data_1LXY
#
_entry.id   1LXY
#
_cell.length_a   77.240
_cell.length_b   76.370
_cell.length_c   82.900
_cell.angle_alpha   90.00
_cell.angle_beta   109.74
_cell.angle_gamma   90.00
#
_symmetry.space_group_name_H-M   'P 1 21 1'
#
loop_
_entity.id
_entity.type
_entity.pdbx_description
1 polymer 'Arginine Deiminase'
2 non-polymer CITRULLINE
3 non-polymer 2-AMINO-2-HYDROXYMETHYL-PROPANE-1,3-DIOL
4 water water
#
_entity_poly.entity_id   1
_entity_poly.type   'polypeptide(L)'
_entity_poly.pdbx_seq_one_letter_code
;SVFDSKFKGIHVYSEIGELESVLVHEPGREIDYITPARLDELLFSAILESHDARKEHKQFVAELKANDINVVELIDLVAE
TYDLASQEAKDKLIEEFLEDSEPVLSEEHKVVVRNFLKAKKTSRELVEIMMAGITKYDLGIEADHELIVDPMPNLYFTRD
PFASVGNGVTIHYMRYKVRQRETLFSRFVFSNHPKLINTPWYYDPSLKLSIEGGDVFIYNNDTLVVGVSERTDLQTVTLL
AKNIVANKECEFKRIVAINVPKWTNLMHLDTWLTMLDKDKFLYSPIANDVFKFWDYDLVNGGAEPQPVENGLPLEGLLQS
IINKKPVLIPIAGEGASQMEIERETHFDGTNYLAIRPGVVIGYSRNEKTNAALEAAGIKVLPFHGNQLSLGMGNARCMSM
PLSRKDVKW
;
_entity_poly.pdbx_strand_id   A,B
#
loop_
_chem_comp.id
_chem_comp.type
_chem_comp.name
_chem_comp.formula
TRS non-polymer 2-AMINO-2-HYDROXYMETHYL-PROPANE-1,3-DIOL 'C4 H12 N O3 1'
#
# COMPACT_ATOMS: atom_id res chain seq x y z
N SER A 1 21.25 -11.53 28.74
CA SER A 1 21.59 -11.60 27.28
C SER A 1 20.32 -11.72 26.47
N VAL A 2 20.42 -11.48 25.18
CA VAL A 2 19.23 -11.61 24.35
C VAL A 2 18.96 -13.10 24.18
N PHE A 3 20.00 -13.91 24.37
CA PHE A 3 19.83 -15.36 24.25
C PHE A 3 19.35 -15.94 25.57
N ASP A 4 18.40 -16.87 25.53
CA ASP A 4 17.96 -17.47 26.78
C ASP A 4 19.01 -18.46 27.27
N SER A 5 18.79 -19.00 28.47
CA SER A 5 19.71 -19.94 29.09
C SER A 5 20.11 -21.14 28.26
N LYS A 6 19.15 -21.76 27.57
CA LYS A 6 19.44 -22.94 26.79
C LYS A 6 20.12 -22.78 25.43
N PHE A 7 20.00 -21.61 24.81
CA PHE A 7 20.63 -21.43 23.50
C PHE A 7 22.11 -21.83 23.55
N LYS A 8 22.50 -22.76 22.67
CA LYS A 8 23.89 -23.24 22.64
C LYS A 8 24.59 -22.81 21.34
N GLY A 9 23.80 -22.52 20.32
CA GLY A 9 24.37 -22.13 19.05
C GLY A 9 23.37 -22.45 17.96
N ILE A 10 23.79 -22.28 16.72
CA ILE A 10 22.90 -22.53 15.60
C ILE A 10 22.52 -23.99 15.52
N HIS A 11 21.22 -24.25 15.48
CA HIS A 11 20.76 -25.63 15.41
C HIS A 11 19.49 -25.70 14.57
N VAL A 12 19.60 -25.64 13.24
CA VAL A 12 18.40 -25.67 12.40
C VAL A 12 18.48 -26.73 11.31
N TYR A 13 17.85 -27.87 11.56
CA TYR A 13 17.89 -28.96 10.60
C TYR A 13 16.54 -29.28 10.00
N SER A 14 15.65 -28.29 10.02
CA SER A 14 14.32 -28.44 9.43
C SER A 14 13.66 -27.09 9.33
N GLU A 15 12.48 -27.09 8.70
CA GLU A 15 11.69 -25.90 8.50
C GLU A 15 10.53 -25.87 9.50
N ILE A 16 10.37 -26.98 10.23
CA ILE A 16 9.22 -27.14 11.13
C ILE A 16 9.43 -27.54 12.60
N GLY A 17 10.64 -27.92 12.99
CA GLY A 17 10.85 -28.32 14.37
C GLY A 17 10.48 -27.21 15.34
N GLU A 18 10.05 -27.58 16.55
CA GLU A 18 9.66 -26.58 17.53
C GLU A 18 10.69 -25.47 17.61
N LEU A 19 10.27 -24.25 17.30
CA LEU A 19 11.15 -23.10 17.30
C LEU A 19 11.59 -22.74 18.72
N GLU A 20 12.91 -22.62 18.93
CA GLU A 20 13.42 -22.27 20.26
C GLU A 20 13.92 -20.83 20.34
N SER A 21 14.76 -20.43 19.39
CA SER A 21 15.27 -19.05 19.32
C SER A 21 15.13 -18.57 17.88
N VAL A 22 14.72 -17.32 17.71
CA VAL A 22 14.52 -16.77 16.38
C VAL A 22 14.89 -15.29 16.37
N LEU A 23 15.51 -14.85 15.30
CA LEU A 23 15.92 -13.47 15.13
C LEU A 23 14.87 -12.65 14.34
N VAL A 24 14.54 -11.48 14.86
CA VAL A 24 13.60 -10.58 14.22
C VAL A 24 14.15 -9.17 14.37
N HIS A 25 13.50 -8.19 13.75
CA HIS A 25 13.90 -6.80 13.89
C HIS A 25 12.69 -5.94 13.69
N GLU A 26 12.32 -5.19 14.72
CA GLU A 26 11.17 -4.30 14.60
C GLU A 26 11.63 -3.12 13.75
N PRO A 27 10.85 -2.76 12.72
CA PRO A 27 11.25 -1.64 11.86
C PRO A 27 11.47 -0.35 12.64
N GLY A 28 12.71 0.14 12.61
CA GLY A 28 13.03 1.36 13.31
C GLY A 28 12.81 2.60 12.46
N ARG A 29 13.60 3.63 12.73
CA ARG A 29 13.50 4.89 12.02
C ARG A 29 13.75 4.74 10.51
N GLU A 30 14.46 3.68 10.14
CA GLU A 30 14.78 3.46 8.73
C GLU A 30 13.58 3.50 7.79
N ILE A 31 12.41 3.04 8.23
CA ILE A 31 11.26 3.07 7.33
C ILE A 31 10.60 4.45 7.22
N ASP A 32 10.98 5.38 8.10
CA ASP A 32 10.40 6.74 8.02
C ASP A 32 11.04 7.51 6.87
N TYR A 33 12.17 7.00 6.38
CA TYR A 33 12.89 7.65 5.30
C TYR A 33 12.53 7.12 3.90
N ILE A 34 11.53 6.27 3.84
CA ILE A 34 11.10 5.77 2.55
C ILE A 34 10.25 6.89 1.93
N THR A 35 10.64 7.36 0.75
CA THR A 35 9.88 8.41 0.06
C THR A 35 9.22 7.85 -1.19
N PRO A 36 8.13 8.48 -1.65
CA PRO A 36 7.44 7.98 -2.85
C PRO A 36 8.28 7.77 -4.10
N ALA A 37 9.21 8.68 -4.38
CA ALA A 37 10.06 8.56 -5.56
C ALA A 37 11.09 7.44 -5.45
N ARG A 38 11.28 6.90 -4.24
CA ARG A 38 12.26 5.84 -4.05
C ARG A 38 11.68 4.46 -3.76
N LEU A 39 10.38 4.28 -3.97
CA LEU A 39 9.77 2.99 -3.70
C LEU A 39 10.46 1.82 -4.39
N ASP A 40 10.62 1.87 -5.70
CA ASP A 40 11.27 0.77 -6.40
C ASP A 40 12.69 0.57 -5.92
N GLU A 41 13.43 1.67 -5.77
CA GLU A 41 14.80 1.56 -5.31
C GLU A 41 14.94 0.90 -3.93
N LEU A 42 14.14 1.35 -2.96
CA LEU A 42 14.22 0.81 -1.59
C LEU A 42 13.52 -0.54 -1.41
N LEU A 43 12.86 -1.02 -2.47
CA LEU A 43 12.19 -2.32 -2.48
C LEU A 43 10.84 -2.40 -1.73
N PHE A 44 10.01 -1.37 -1.83
CA PHE A 44 8.71 -1.43 -1.15
C PHE A 44 7.59 -1.25 -2.16
N SER A 45 6.46 -1.93 -1.95
CA SER A 45 5.32 -1.80 -2.87
C SER A 45 4.54 -0.51 -2.63
N ALA A 46 4.66 0.00 -1.41
CA ALA A 46 3.99 1.24 -1.02
C ALA A 46 4.59 1.71 0.29
N ILE A 47 4.30 2.96 0.66
CA ILE A 47 4.82 3.50 1.89
C ILE A 47 4.00 3.03 3.08
N LEU A 48 4.69 2.47 4.06
CA LEU A 48 4.06 1.98 5.29
C LEU A 48 3.72 3.11 6.22
N GLU A 49 2.65 2.91 7.01
CA GLU A 49 2.30 3.88 8.03
C GLU A 49 3.18 3.29 9.15
N SER A 50 4.27 3.98 9.45
CA SER A 50 5.24 3.53 10.45
C SER A 50 4.71 3.14 11.81
N HIS A 51 3.85 3.96 12.38
CA HIS A 51 3.35 3.64 13.71
C HIS A 51 2.62 2.31 13.77
N ASP A 52 1.67 2.10 12.86
CA ASP A 52 0.94 0.85 12.83
C ASP A 52 1.88 -0.32 12.51
N ALA A 53 2.87 -0.07 11.67
CA ALA A 53 3.80 -1.13 11.31
C ALA A 53 4.49 -1.68 12.55
N ARG A 54 4.93 -0.80 13.43
CA ARG A 54 5.62 -1.22 14.64
C ARG A 54 4.65 -1.94 15.58
N LYS A 55 3.42 -1.45 15.68
CA LYS A 55 2.44 -2.11 16.53
C LYS A 55 2.21 -3.54 15.99
N GLU A 56 2.06 -3.65 14.67
CA GLU A 56 1.86 -4.96 14.06
C GLU A 56 3.04 -5.90 14.37
N HIS A 57 4.26 -5.37 14.33
CA HIS A 57 5.41 -6.21 14.59
C HIS A 57 5.43 -6.67 16.05
N LYS A 58 5.03 -5.79 16.97
CA LYS A 58 5.00 -6.18 18.39
C LYS A 58 4.00 -7.34 18.59
N GLN A 59 2.93 -7.35 17.80
CA GLN A 59 1.94 -8.43 17.89
C GLN A 59 2.54 -9.73 17.40
N PHE A 60 3.28 -9.63 16.32
CA PHE A 60 3.94 -10.80 15.73
C PHE A 60 4.85 -11.39 16.80
N VAL A 61 5.66 -10.53 17.42
CA VAL A 61 6.58 -10.96 18.48
C VAL A 61 5.82 -11.49 19.68
N ALA A 62 4.71 -10.86 20.04
CA ALA A 62 3.91 -11.33 21.18
C ALA A 62 3.42 -12.74 20.89
N GLU A 63 2.99 -13.00 19.66
CA GLU A 63 2.51 -14.32 19.31
C GLU A 63 3.64 -15.34 19.49
N LEU A 64 4.82 -15.00 18.99
CA LEU A 64 5.96 -15.89 19.10
C LEU A 64 6.24 -16.19 20.58
N LYS A 65 6.28 -15.15 21.40
CA LYS A 65 6.58 -15.31 22.81
C LYS A 65 5.53 -16.12 23.56
N ALA A 66 4.29 -16.03 23.12
CA ALA A 66 3.21 -16.77 23.76
C ALA A 66 3.40 -18.26 23.49
N ASN A 67 4.29 -18.60 22.57
CA ASN A 67 4.53 -19.99 22.23
C ASN A 67 5.88 -20.51 22.73
N ASP A 68 6.36 -19.87 23.80
CA ASP A 68 7.62 -20.23 24.46
C ASP A 68 8.82 -20.17 23.52
N ILE A 69 8.93 -19.09 22.78
CA ILE A 69 10.02 -18.91 21.83
C ILE A 69 10.90 -17.75 22.27
N ASN A 70 12.22 -17.98 22.27
CA ASN A 70 13.20 -16.96 22.63
C ASN A 70 13.36 -16.05 21.42
N VAL A 71 12.74 -14.88 21.49
CA VAL A 71 12.77 -13.91 20.41
C VAL A 71 13.90 -12.91 20.59
N VAL A 72 14.79 -12.87 19.60
CA VAL A 72 15.94 -11.98 19.63
C VAL A 72 15.78 -10.79 18.67
N GLU A 73 15.87 -9.58 19.22
CA GLU A 73 15.79 -8.37 18.40
C GLU A 73 17.20 -8.08 17.89
N LEU A 74 17.33 -7.87 16.57
CA LEU A 74 18.62 -7.61 15.96
C LEU A 74 19.38 -6.46 16.62
N ILE A 75 18.71 -5.34 16.87
CA ILE A 75 19.40 -4.21 17.48
C ILE A 75 20.08 -4.62 18.79
N ASP A 76 19.35 -5.35 19.62
CA ASP A 76 19.91 -5.78 20.88
C ASP A 76 21.02 -6.81 20.76
N LEU A 77 20.91 -7.70 19.78
CA LEU A 77 21.96 -8.70 19.59
C LEU A 77 23.27 -8.00 19.14
N VAL A 78 23.15 -7.06 18.23
CA VAL A 78 24.30 -6.32 17.73
C VAL A 78 24.93 -5.48 18.86
N ALA A 79 24.09 -4.77 19.62
CA ALA A 79 24.61 -3.94 20.71
C ALA A 79 25.31 -4.78 21.77
N GLU A 80 24.73 -5.94 22.07
CA GLU A 80 25.28 -6.85 23.07
C GLU A 80 26.67 -7.33 22.60
N THR A 81 26.74 -7.71 21.32
CA THR A 81 27.99 -8.18 20.75
C THR A 81 29.01 -7.06 20.81
N TYR A 82 28.56 -5.87 20.41
CA TYR A 82 29.45 -4.72 20.41
C TYR A 82 30.06 -4.51 21.80
N ASP A 83 29.21 -4.47 22.83
CA ASP A 83 29.68 -4.27 24.19
C ASP A 83 30.79 -5.22 24.64
N LEU A 84 30.78 -6.44 24.12
CA LEU A 84 31.79 -7.41 24.50
C LEU A 84 32.88 -7.60 23.45
N ALA A 85 32.76 -6.93 22.31
CA ALA A 85 33.75 -7.06 21.26
C ALA A 85 35.06 -6.35 21.59
N SER A 86 36.14 -6.74 20.91
CA SER A 86 37.43 -6.10 21.12
C SER A 86 37.34 -4.68 20.57
N GLN A 87 38.25 -3.82 20.99
CA GLN A 87 38.28 -2.45 20.53
C GLN A 87 38.49 -2.45 19.03
N GLU A 88 39.28 -3.40 18.55
CA GLU A 88 39.59 -3.54 17.14
C GLU A 88 38.31 -3.86 16.35
N ALA A 89 37.51 -4.80 16.85
CA ALA A 89 36.26 -5.17 16.18
C ALA A 89 35.29 -3.99 16.23
N LYS A 90 35.25 -3.29 17.37
CA LYS A 90 34.38 -2.13 17.53
C LYS A 90 34.70 -1.06 16.49
N ASP A 91 35.97 -0.70 16.39
CA ASP A 91 36.43 0.30 15.44
C ASP A 91 36.17 -0.13 14.01
N LYS A 92 36.45 -1.40 13.70
CA LYS A 92 36.26 -1.88 12.34
C LYS A 92 34.78 -1.86 11.93
N LEU A 93 33.87 -2.07 12.89
CA LEU A 93 32.45 -2.03 12.54
C LEU A 93 32.17 -0.66 11.94
N ILE A 94 32.61 0.40 12.62
CA ILE A 94 32.37 1.75 12.14
C ILE A 94 33.04 2.02 10.79
N GLU A 95 34.28 1.58 10.62
CA GLU A 95 34.96 1.79 9.35
C GLU A 95 34.29 1.06 8.19
N GLU A 96 33.88 -0.18 8.42
CA GLU A 96 33.23 -0.91 7.32
C GLU A 96 31.86 -0.34 7.01
N PHE A 97 31.21 0.24 8.02
CA PHE A 97 29.92 0.88 7.84
C PHE A 97 30.11 2.08 6.91
N LEU A 98 31.14 2.88 7.17
CA LEU A 98 31.42 4.06 6.35
C LEU A 98 31.82 3.65 4.94
N GLU A 99 32.69 2.65 4.86
CA GLU A 99 33.20 2.18 3.58
C GLU A 99 32.10 1.67 2.66
N ASP A 100 31.07 1.08 3.26
CA ASP A 100 29.98 0.51 2.49
C ASP A 100 28.76 1.41 2.40
N SER A 101 28.92 2.66 2.79
CA SER A 101 27.79 3.59 2.74
C SER A 101 27.19 3.81 1.37
N GLU A 102 25.91 4.16 1.37
CA GLU A 102 25.19 4.49 0.16
C GLU A 102 24.32 5.67 0.59
N PRO A 103 24.46 6.81 -0.09
CA PRO A 103 25.39 7.01 -1.20
C PRO A 103 26.83 6.99 -0.68
N VAL A 104 27.79 6.91 -1.59
CA VAL A 104 29.18 6.89 -1.20
C VAL A 104 29.52 8.22 -0.51
N LEU A 105 30.25 8.14 0.60
CA LEU A 105 30.59 9.32 1.39
C LEU A 105 31.83 10.07 0.90
N SER A 106 31.75 11.41 0.88
CA SER A 106 32.90 12.22 0.47
C SER A 106 33.83 12.15 1.67
N GLU A 107 35.12 12.45 1.47
CA GLU A 107 36.05 12.40 2.58
C GLU A 107 35.59 13.30 3.72
N GLU A 108 35.10 14.50 3.40
CA GLU A 108 34.63 15.44 4.42
C GLU A 108 33.47 14.88 5.22
N HIS A 109 32.49 14.30 4.52
CA HIS A 109 31.33 13.72 5.20
C HIS A 109 31.74 12.50 6.00
N LYS A 110 32.69 11.75 5.46
CA LYS A 110 33.19 10.56 6.13
C LYS A 110 33.67 10.88 7.54
N VAL A 111 34.47 11.95 7.66
CA VAL A 111 35.00 12.39 8.95
C VAL A 111 33.86 12.87 9.85
N VAL A 112 32.89 13.57 9.28
CA VAL A 112 31.78 14.08 10.08
C VAL A 112 30.97 12.93 10.67
N VAL A 113 30.61 11.97 9.82
CA VAL A 113 29.84 10.80 10.26
C VAL A 113 30.61 9.97 11.29
N ARG A 114 31.88 9.71 11.03
CA ARG A 114 32.68 8.93 11.97
C ARG A 114 32.66 9.55 13.36
N ASN A 115 32.92 10.85 13.42
CA ASN A 115 32.92 11.52 14.72
C ASN A 115 31.57 11.41 15.41
N PHE A 116 30.51 11.61 14.64
CA PHE A 116 29.13 11.53 15.12
C PHE A 116 28.86 10.14 15.70
N LEU A 117 29.28 9.11 14.98
CA LEU A 117 29.07 7.74 15.44
C LEU A 117 29.83 7.47 16.74
N LYS A 118 31.11 7.80 16.77
CA LYS A 118 31.90 7.57 17.96
C LYS A 118 31.42 8.36 19.18
N ALA A 119 30.74 9.48 18.94
CA ALA A 119 30.26 10.31 20.03
C ALA A 119 28.99 9.74 20.70
N LYS A 120 28.33 8.78 20.07
CA LYS A 120 27.13 8.17 20.67
C LYS A 120 27.52 7.54 21.99
N LYS A 121 26.77 7.84 23.05
CA LYS A 121 27.09 7.32 24.38
C LYS A 121 26.82 5.84 24.60
N THR A 122 25.78 5.30 23.97
CA THR A 122 25.47 3.88 24.18
C THR A 122 25.55 3.07 22.90
N SER A 123 25.96 1.82 23.05
CA SER A 123 26.04 0.94 21.91
C SER A 123 24.68 0.79 21.23
N ARG A 124 23.58 0.79 22.00
CA ARG A 124 22.27 0.66 21.35
C ARG A 124 22.00 1.85 20.44
N GLU A 125 22.40 3.04 20.87
CA GLU A 125 22.22 4.25 20.07
C GLU A 125 23.01 4.14 18.78
N LEU A 126 24.22 3.62 18.89
CA LEU A 126 25.10 3.46 17.74
C LEU A 126 24.47 2.53 16.70
N VAL A 127 23.97 1.38 17.15
CA VAL A 127 23.35 0.40 16.25
C VAL A 127 22.08 0.96 15.62
N GLU A 128 21.26 1.59 16.44
CA GLU A 128 20.02 2.21 15.97
C GLU A 128 20.26 3.16 14.79
N ILE A 129 21.17 4.12 14.96
CA ILE A 129 21.45 5.10 13.92
C ILE A 129 22.08 4.47 12.66
N MET A 130 22.95 3.48 12.84
CA MET A 130 23.55 2.80 11.69
C MET A 130 22.45 2.14 10.85
N MET A 131 21.42 1.63 11.52
CA MET A 131 20.32 0.98 10.80
C MET A 131 19.36 2.00 10.17
N ALA A 132 19.05 3.04 10.93
CA ALA A 132 18.12 4.07 10.51
C ALA A 132 18.54 4.92 9.33
N GLY A 133 19.83 5.22 9.25
CA GLY A 133 20.30 6.08 8.19
C GLY A 133 20.59 7.39 8.89
N ILE A 134 21.32 8.29 8.22
CA ILE A 134 21.73 9.54 8.82
C ILE A 134 21.45 10.76 7.94
N THR A 135 20.80 11.76 8.51
CA THR A 135 20.47 12.97 7.77
C THR A 135 21.39 14.14 8.10
N LYS A 136 21.34 15.17 7.26
CA LYS A 136 22.15 16.34 7.49
C LYS A 136 21.71 16.97 8.81
N TYR A 137 20.44 16.77 9.14
CA TYR A 137 19.89 17.31 10.38
C TYR A 137 20.50 16.57 11.58
N ASP A 138 20.64 15.25 11.47
CA ASP A 138 21.22 14.49 12.57
C ASP A 138 22.65 14.96 12.83
N LEU A 139 23.38 15.27 11.76
CA LEU A 139 24.79 15.67 11.87
C LEU A 139 24.99 17.16 12.21
N GLY A 140 23.94 17.94 12.02
CA GLY A 140 24.04 19.37 12.27
C GLY A 140 24.93 20.02 11.23
N ILE A 141 24.83 19.58 9.98
CA ILE A 141 25.63 20.16 8.90
C ILE A 141 24.81 20.60 7.69
N GLU A 142 25.38 21.48 6.88
CA GLU A 142 24.74 21.95 5.66
C GLU A 142 25.04 20.93 4.56
N ALA A 143 24.05 20.65 3.71
CA ALA A 143 24.22 19.67 2.63
C ALA A 143 23.16 19.82 1.52
N ASP A 144 23.49 19.41 0.30
CA ASP A 144 22.55 19.52 -0.81
C ASP A 144 21.40 18.54 -0.68
N HIS A 145 21.66 17.40 -0.07
CA HIS A 145 20.67 16.35 0.10
C HIS A 145 20.46 16.05 1.59
N GLU A 146 19.26 15.64 1.96
CA GLU A 146 18.93 15.37 3.35
C GLU A 146 19.56 14.11 3.91
N LEU A 147 19.56 13.04 3.12
CA LEU A 147 20.17 11.79 3.57
C LEU A 147 21.68 11.74 3.29
N ILE A 148 22.49 11.77 4.33
CA ILE A 148 23.94 11.68 4.15
C ILE A 148 24.25 10.20 3.99
N VAL A 149 23.57 9.36 4.77
CA VAL A 149 23.75 7.91 4.67
C VAL A 149 22.32 7.34 4.64
N ASP A 150 22.03 6.51 3.65
CA ASP A 150 20.70 5.91 3.49
C ASP A 150 20.27 4.98 4.60
N PRO A 151 18.96 4.81 4.76
CA PRO A 151 18.43 3.91 5.78
C PRO A 151 18.63 2.52 5.19
N MET A 152 18.41 1.48 6.00
CA MET A 152 18.45 0.10 5.53
C MET A 152 17.02 -0.30 5.90
N PRO A 153 16.03 0.22 5.17
CA PRO A 153 14.60 -0.06 5.44
C PRO A 153 14.14 -1.51 5.53
N ASN A 154 14.79 -2.40 4.77
CA ASN A 154 14.40 -3.79 4.75
C ASN A 154 14.93 -4.65 5.88
N LEU A 155 15.61 -4.03 6.85
CA LEU A 155 16.16 -4.80 7.95
C LEU A 155 15.14 -5.67 8.69
N TYR A 156 13.86 -5.27 8.69
CA TYR A 156 12.85 -6.07 9.42
C TYR A 156 12.61 -7.43 8.76
N PHE A 157 13.17 -7.63 7.57
CA PHE A 157 13.05 -8.92 6.88
C PHE A 157 14.36 -9.67 7.16
N THR A 158 14.51 -10.08 8.41
CA THR A 158 15.69 -10.80 8.90
C THR A 158 15.89 -12.17 8.27
N ARG A 159 14.93 -12.62 7.48
CA ARG A 159 15.07 -13.92 6.83
C ARG A 159 16.16 -13.93 5.77
N ASP A 160 16.43 -12.76 5.18
CA ASP A 160 17.35 -12.68 4.05
C ASP A 160 18.87 -12.44 4.12
N PRO A 161 19.36 -11.60 5.05
CA PRO A 161 20.81 -11.38 5.09
C PRO A 161 21.68 -12.62 5.34
N PHE A 162 21.17 -13.56 6.15
CA PHE A 162 21.89 -14.79 6.43
C PHE A 162 20.90 -15.89 6.79
N ALA A 163 21.31 -17.14 6.60
CA ALA A 163 20.46 -18.28 6.90
C ALA A 163 21.18 -19.31 7.76
N SER A 164 20.47 -19.81 8.77
CA SER A 164 20.99 -20.86 9.62
C SER A 164 20.90 -22.11 8.76
N VAL A 165 22.00 -22.87 8.68
CA VAL A 165 22.04 -24.08 7.87
C VAL A 165 22.63 -25.20 8.73
N GLY A 166 21.74 -26.02 9.30
CA GLY A 166 22.19 -27.09 10.17
C GLY A 166 22.81 -26.36 11.35
N ASN A 167 24.08 -26.60 11.64
CA ASN A 167 24.70 -25.86 12.73
C ASN A 167 25.70 -24.85 12.20
N GLY A 168 25.54 -24.52 10.92
CA GLY A 168 26.39 -23.56 10.26
C GLY A 168 25.52 -22.41 9.77
N VAL A 169 26.10 -21.50 8.98
CA VAL A 169 25.34 -20.37 8.49
C VAL A 169 25.88 -19.88 7.16
N THR A 170 25.02 -19.25 6.37
CA THR A 170 25.44 -18.67 5.11
C THR A 170 25.18 -17.16 5.23
N ILE A 171 26.23 -16.36 5.14
CA ILE A 171 26.06 -14.90 5.18
C ILE A 171 26.13 -14.55 3.70
N HIS A 172 25.05 -13.94 3.21
CA HIS A 172 24.92 -13.68 1.78
C HIS A 172 25.43 -12.44 1.09
N TYR A 173 25.64 -12.60 -0.21
CA TYR A 173 25.99 -11.49 -1.07
C TYR A 173 24.59 -11.25 -1.67
N MET A 174 23.93 -10.20 -1.23
CA MET A 174 22.58 -9.90 -1.68
C MET A 174 22.52 -9.21 -3.04
N ARG A 175 21.36 -9.32 -3.69
CA ARG A 175 21.17 -8.75 -5.01
C ARG A 175 21.30 -7.25 -5.11
N TYR A 176 20.69 -6.52 -4.17
CA TYR A 176 20.74 -5.07 -4.24
C TYR A 176 21.50 -4.42 -3.08
N LYS A 177 22.26 -3.39 -3.41
CA LYS A 177 23.07 -2.64 -2.47
C LYS A 177 22.27 -2.19 -1.24
N VAL A 178 21.02 -1.78 -1.45
CA VAL A 178 20.21 -1.31 -0.33
C VAL A 178 20.10 -2.36 0.77
N ARG A 179 20.22 -3.65 0.40
CA ARG A 179 20.16 -4.73 1.38
C ARG A 179 21.53 -5.37 1.68
N GLN A 180 22.44 -5.31 0.72
CA GLN A 180 23.78 -5.88 0.96
C GLN A 180 24.34 -5.29 2.24
N ARG A 181 24.10 -4.00 2.43
CA ARG A 181 24.63 -3.29 3.59
C ARG A 181 24.16 -3.90 4.91
N GLU A 182 23.03 -4.59 4.88
CA GLU A 182 22.51 -5.22 6.11
C GLU A 182 23.45 -6.34 6.59
N THR A 183 24.19 -6.97 5.68
CA THR A 183 25.08 -8.07 6.08
C THR A 183 26.23 -7.64 6.99
N LEU A 184 26.41 -6.34 7.13
CA LEU A 184 27.44 -5.81 8.00
C LEU A 184 27.21 -6.38 9.39
N PHE A 185 25.96 -6.27 9.86
CA PHE A 185 25.57 -6.74 11.18
C PHE A 185 25.66 -8.27 11.31
N SER A 186 25.33 -8.97 10.23
CA SER A 186 25.39 -10.43 10.22
C SER A 186 26.81 -10.91 10.49
N ARG A 187 27.77 -10.37 9.74
CA ARG A 187 29.17 -10.74 9.91
C ARG A 187 29.65 -10.40 11.30
N PHE A 188 29.27 -9.21 11.77
CA PHE A 188 29.67 -8.75 13.08
C PHE A 188 29.24 -9.64 14.22
N VAL A 189 27.95 -9.98 14.30
CA VAL A 189 27.50 -10.81 15.40
C VAL A 189 28.10 -12.23 15.32
N PHE A 190 28.19 -12.81 14.14
CA PHE A 190 28.78 -14.14 14.04
C PHE A 190 30.30 -14.17 14.23
N SER A 191 30.96 -13.02 14.14
CA SER A 191 32.41 -13.00 14.30
C SER A 191 32.82 -12.62 15.70
N ASN A 192 31.88 -12.12 16.48
CA ASN A 192 32.22 -11.68 17.83
C ASN A 192 31.39 -12.21 19.00
N HIS A 193 30.12 -12.52 18.80
CA HIS A 193 29.36 -13.03 19.92
C HIS A 193 29.81 -14.45 20.30
N PRO A 194 30.19 -14.65 21.57
CA PRO A 194 30.65 -15.94 22.11
C PRO A 194 29.75 -17.13 21.81
N LYS A 195 28.45 -16.90 21.71
CA LYS A 195 27.53 -17.99 21.43
C LYS A 195 27.30 -18.23 19.93
N LEU A 196 27.95 -17.43 19.11
CA LEU A 196 27.83 -17.56 17.65
C LEU A 196 29.19 -17.74 16.99
N ILE A 197 30.22 -17.27 17.68
CA ILE A 197 31.57 -17.30 17.16
C ILE A 197 32.10 -18.63 16.62
N ASN A 198 31.65 -19.75 17.16
CA ASN A 198 32.13 -21.03 16.65
C ASN A 198 31.32 -21.58 15.48
N THR A 199 30.33 -20.81 15.02
CA THR A 199 29.53 -21.25 13.87
C THR A 199 30.31 -21.23 12.57
N PRO A 200 30.29 -22.33 11.81
CA PRO A 200 31.02 -22.35 10.54
C PRO A 200 30.21 -21.63 9.45
N TRP A 201 30.89 -20.92 8.56
CA TRP A 201 30.24 -20.19 7.48
C TRP A 201 30.35 -21.00 6.19
N TYR A 202 29.25 -21.18 5.48
CA TYR A 202 29.31 -21.92 4.22
C TYR A 202 29.28 -20.92 3.06
N TYR A 203 29.17 -19.63 3.39
CA TYR A 203 29.11 -18.59 2.37
C TYR A 203 29.32 -17.24 3.06
N ASP A 204 29.95 -16.30 2.38
CA ASP A 204 30.15 -14.98 2.98
C ASP A 204 29.99 -13.96 1.88
N PRO A 205 29.69 -12.70 2.24
CA PRO A 205 29.50 -11.62 1.25
C PRO A 205 30.57 -11.35 0.21
N SER A 206 31.82 -11.72 0.49
CA SER A 206 32.89 -11.45 -0.45
C SER A 206 32.86 -12.31 -1.71
N LEU A 207 32.03 -13.35 -1.73
CA LEU A 207 31.97 -14.24 -2.89
C LEU A 207 31.33 -13.65 -4.17
N LYS A 208 30.62 -12.55 -4.04
CA LYS A 208 30.01 -11.88 -5.18
C LYS A 208 29.04 -12.65 -6.10
N LEU A 209 28.45 -13.74 -5.61
CA LEU A 209 27.44 -14.45 -6.41
C LEU A 209 26.17 -14.27 -5.56
N SER A 210 25.11 -13.77 -6.19
CA SER A 210 23.86 -13.46 -5.51
C SER A 210 23.06 -14.61 -4.90
N ILE A 211 22.73 -14.46 -3.62
CA ILE A 211 21.92 -15.44 -2.90
C ILE A 211 21.27 -14.75 -1.68
N GLU A 212 20.04 -15.16 -1.35
CA GLU A 212 19.38 -14.56 -0.19
C GLU A 212 18.61 -15.58 0.65
N GLY A 213 18.47 -15.28 1.93
CA GLY A 213 17.80 -16.19 2.85
C GLY A 213 16.42 -16.74 2.49
N GLY A 214 15.59 -15.91 1.86
CA GLY A 214 14.27 -16.37 1.49
C GLY A 214 14.29 -17.58 0.57
N ASP A 215 15.43 -17.81 -0.07
CA ASP A 215 15.59 -18.93 -0.99
C ASP A 215 16.10 -20.20 -0.32
N VAL A 216 16.61 -20.06 0.91
CA VAL A 216 17.18 -21.20 1.65
C VAL A 216 16.18 -21.92 2.57
N PHE A 217 16.05 -23.23 2.37
CA PHE A 217 15.18 -24.06 3.19
C PHE A 217 15.98 -25.26 3.68
N ILE A 218 15.72 -25.67 4.92
CA ILE A 218 16.38 -26.84 5.47
C ILE A 218 15.27 -27.90 5.57
N TYR A 219 15.11 -28.72 4.53
CA TYR A 219 14.04 -29.70 4.59
C TYR A 219 14.23 -30.78 5.69
N ASN A 220 15.44 -31.32 5.79
CA ASN A 220 15.77 -32.29 6.83
C ASN A 220 17.29 -32.35 6.97
N ASN A 221 17.79 -33.31 7.74
CA ASN A 221 19.23 -33.41 7.96
C ASN A 221 20.05 -33.71 6.69
N ASP A 222 19.43 -34.36 5.72
CA ASP A 222 20.14 -34.71 4.49
C ASP A 222 19.99 -33.74 3.33
N THR A 223 18.82 -33.12 3.25
CA THR A 223 18.51 -32.27 2.12
C THR A 223 18.24 -30.79 2.35
N LEU A 224 18.96 -29.96 1.60
CA LEU A 224 18.78 -28.52 1.61
C LEU A 224 18.04 -28.21 0.31
N VAL A 225 17.18 -27.19 0.34
CA VAL A 225 16.42 -26.80 -0.82
C VAL A 225 16.67 -25.31 -1.02
N VAL A 226 17.18 -24.94 -2.18
CA VAL A 226 17.48 -23.53 -2.45
C VAL A 226 16.81 -23.05 -3.73
N GLY A 227 16.16 -21.89 -3.65
CA GLY A 227 15.49 -21.38 -4.82
C GLY A 227 16.40 -20.72 -5.85
N VAL A 228 15.97 -20.75 -7.11
CA VAL A 228 16.69 -20.11 -8.23
C VAL A 228 15.64 -19.07 -8.58
N SER A 229 15.90 -17.84 -8.12
CA SER A 229 14.90 -16.80 -8.21
C SER A 229 15.38 -15.44 -8.69
N GLU A 230 14.61 -14.41 -8.38
CA GLU A 230 14.99 -13.05 -8.78
C GLU A 230 16.19 -12.62 -7.94
N ARG A 231 16.36 -13.25 -6.78
CA ARG A 231 17.47 -12.90 -5.89
C ARG A 231 18.61 -13.92 -5.79
N THR A 232 18.35 -15.17 -6.14
CA THR A 232 19.38 -16.21 -6.03
C THR A 232 19.60 -16.92 -7.37
N ASP A 233 20.86 -17.00 -7.81
CA ASP A 233 21.17 -17.64 -9.09
C ASP A 233 21.69 -19.07 -8.92
N LEU A 234 21.39 -19.90 -9.93
CA LEU A 234 21.83 -21.29 -9.94
C LEU A 234 23.34 -21.41 -9.74
N GLN A 235 24.11 -20.57 -10.44
CA GLN A 235 25.57 -20.61 -10.28
C GLN A 235 25.96 -20.36 -8.83
N THR A 236 25.15 -19.58 -8.09
CA THR A 236 25.46 -19.31 -6.70
C THR A 236 25.27 -20.58 -5.89
N VAL A 237 24.21 -21.31 -6.20
CA VAL A 237 23.92 -22.57 -5.50
C VAL A 237 25.11 -23.52 -5.76
N THR A 238 25.61 -23.52 -6.99
CA THR A 238 26.75 -24.37 -7.37
C THR A 238 27.96 -24.05 -6.49
N LEU A 239 28.22 -22.76 -6.26
CA LEU A 239 29.32 -22.36 -5.39
C LEU A 239 29.02 -22.78 -3.95
N LEU A 240 27.76 -22.69 -3.56
CA LEU A 240 27.38 -23.10 -2.20
C LEU A 240 27.65 -24.59 -2.01
N ALA A 241 27.26 -25.43 -2.98
CA ALA A 241 27.48 -26.88 -2.90
C ALA A 241 28.97 -27.17 -2.71
N LYS A 242 29.78 -26.43 -3.46
CA LYS A 242 31.23 -26.51 -3.43
C LYS A 242 31.77 -26.22 -2.03
N ASN A 243 31.28 -25.15 -1.41
CA ASN A 243 31.71 -24.76 -0.07
C ASN A 243 31.32 -25.78 0.98
N ILE A 244 30.12 -26.34 0.82
CA ILE A 244 29.62 -27.31 1.78
C ILE A 244 30.43 -28.59 1.72
N VAL A 245 30.77 -29.02 0.51
CA VAL A 245 31.57 -30.22 0.35
C VAL A 245 32.93 -30.00 1.03
N ALA A 246 33.49 -28.82 0.81
CA ALA A 246 34.77 -28.46 1.41
C ALA A 246 34.75 -28.49 2.94
N ASN A 247 33.56 -28.41 3.52
CA ASN A 247 33.45 -28.42 4.98
C ASN A 247 33.19 -29.85 5.42
N LYS A 248 34.20 -30.45 6.05
CA LYS A 248 34.12 -31.84 6.48
C LYS A 248 33.18 -32.15 7.62
N GLU A 249 32.85 -31.14 8.41
CA GLU A 249 31.93 -31.34 9.53
C GLU A 249 30.46 -31.26 9.09
N CYS A 250 30.20 -30.70 7.92
CA CYS A 250 28.83 -30.56 7.44
C CYS A 250 28.27 -31.90 7.01
N GLU A 251 27.04 -32.20 7.41
CA GLU A 251 26.44 -33.50 7.07
C GLU A 251 25.34 -33.53 6.03
N PHE A 252 25.00 -32.38 5.45
CA PHE A 252 23.96 -32.40 4.43
C PHE A 252 24.50 -33.17 3.22
N LYS A 253 23.63 -33.93 2.57
CA LYS A 253 24.07 -34.75 1.45
C LYS A 253 23.52 -34.36 0.08
N ARG A 254 22.52 -33.48 0.07
CA ARG A 254 21.90 -33.13 -1.18
C ARG A 254 21.32 -31.74 -1.17
N ILE A 255 21.39 -31.06 -2.30
CA ILE A 255 20.76 -29.74 -2.40
C ILE A 255 19.83 -29.86 -3.61
N VAL A 256 18.58 -29.44 -3.44
CA VAL A 256 17.64 -29.47 -4.54
C VAL A 256 17.40 -28.00 -4.86
N ALA A 257 17.74 -27.59 -6.07
CA ALA A 257 17.54 -26.20 -6.48
C ALA A 257 16.18 -26.14 -7.14
N ILE A 258 15.42 -25.10 -6.85
CA ILE A 258 14.09 -25.00 -7.42
C ILE A 258 13.91 -23.69 -8.14
N ASN A 259 13.60 -23.80 -9.43
CA ASN A 259 13.37 -22.65 -10.29
C ASN A 259 11.98 -22.06 -10.02
N VAL A 260 11.93 -20.74 -9.82
CA VAL A 260 10.66 -20.05 -9.56
C VAL A 260 10.49 -18.80 -10.42
N PRO A 261 9.25 -18.29 -10.57
CA PRO A 261 9.08 -17.09 -11.39
C PRO A 261 10.01 -16.00 -10.86
N LYS A 262 10.63 -15.26 -11.78
CA LYS A 262 11.57 -14.22 -11.40
C LYS A 262 10.91 -12.86 -11.20
N TRP A 263 9.87 -12.82 -10.38
CA TRP A 263 9.12 -11.59 -10.16
C TRP A 263 9.79 -10.70 -9.13
N THR A 264 9.90 -9.42 -9.43
CA THR A 264 10.53 -8.49 -8.49
C THR A 264 9.80 -8.37 -7.15
N ASN A 265 8.50 -8.68 -7.14
CA ASN A 265 7.70 -8.58 -5.92
C ASN A 265 7.47 -9.90 -5.20
N LEU A 266 7.96 -11.00 -5.77
CA LEU A 266 7.83 -12.35 -5.20
C LEU A 266 9.19 -12.90 -5.61
N MET A 267 10.19 -12.34 -4.93
CA MET A 267 11.60 -12.54 -5.19
C MET A 267 12.36 -13.74 -4.66
N HIS A 268 11.75 -14.52 -3.76
CA HIS A 268 12.43 -15.73 -3.28
C HIS A 268 11.51 -16.94 -3.35
N LEU A 269 12.12 -18.11 -3.31
CA LEU A 269 11.38 -19.35 -3.34
C LEU A 269 10.27 -19.37 -2.28
N ASP A 270 10.52 -18.76 -1.13
CA ASP A 270 9.49 -18.78 -0.10
C ASP A 270 8.25 -17.93 -0.38
N THR A 271 8.16 -17.32 -1.55
CA THR A 271 6.96 -16.56 -1.93
C THR A 271 6.18 -17.41 -2.93
N TRP A 272 6.68 -18.63 -3.18
CA TRP A 272 6.06 -19.56 -4.14
C TRP A 272 5.79 -20.96 -3.58
N LEU A 273 6.65 -21.40 -2.66
CA LEU A 273 6.52 -22.75 -2.07
C LEU A 273 7.18 -22.88 -0.69
N THR A 274 6.43 -23.33 0.31
CA THR A 274 6.98 -23.52 1.65
C THR A 274 6.53 -24.85 2.22
N MET A 275 7.29 -25.35 3.19
CA MET A 275 6.98 -26.62 3.85
C MET A 275 6.53 -26.23 5.25
N LEU A 276 5.32 -26.64 5.63
CA LEU A 276 4.76 -26.24 6.92
C LEU A 276 4.48 -27.37 7.92
N ASP A 277 4.57 -28.62 7.45
CA ASP A 277 4.35 -29.76 8.34
C ASP A 277 5.22 -30.88 7.77
N LYS A 278 5.34 -32.00 8.48
CA LYS A 278 6.16 -33.11 8.04
C LYS A 278 5.94 -33.51 6.58
N ASP A 279 4.71 -33.40 6.11
CA ASP A 279 4.42 -33.75 4.72
C ASP A 279 3.44 -32.79 4.05
N LYS A 280 3.31 -31.58 4.59
CA LYS A 280 2.40 -30.58 4.02
C LYS A 280 3.12 -29.37 3.44
N PHE A 281 2.74 -28.99 2.23
CA PHE A 281 3.34 -27.86 1.55
C PHE A 281 2.31 -26.86 1.03
N LEU A 282 2.69 -25.58 1.06
CA LEU A 282 1.82 -24.51 0.57
C LEU A 282 2.49 -23.89 -0.66
N TYR A 283 1.76 -23.80 -1.76
CA TYR A 283 2.33 -23.27 -3.00
C TYR A 283 1.31 -22.44 -3.78
N SER A 284 1.80 -21.62 -4.70
CA SER A 284 0.90 -20.84 -5.55
C SER A 284 0.88 -21.47 -6.92
N PRO A 285 -0.31 -21.85 -7.42
CA PRO A 285 -0.49 -22.48 -8.73
C PRO A 285 0.08 -21.60 -9.85
N ILE A 286 0.25 -20.31 -9.58
CA ILE A 286 0.79 -19.40 -10.57
C ILE A 286 2.18 -19.84 -11.03
N ALA A 287 2.91 -20.56 -10.19
CA ALA A 287 4.24 -21.02 -10.54
C ALA A 287 4.26 -22.40 -11.20
N ASN A 288 3.09 -23.00 -11.36
CA ASN A 288 2.96 -24.35 -11.92
C ASN A 288 3.79 -24.70 -13.15
N ASP A 289 3.76 -23.84 -14.17
CA ASP A 289 4.53 -24.14 -15.38
C ASP A 289 5.94 -23.57 -15.35
N VAL A 290 6.33 -22.99 -14.23
CA VAL A 290 7.68 -22.42 -14.13
C VAL A 290 8.61 -23.29 -13.27
N PHE A 291 8.05 -23.97 -12.27
CA PHE A 291 8.86 -24.83 -11.41
C PHE A 291 9.70 -25.80 -12.24
N LYS A 292 11.00 -25.82 -11.96
CA LYS A 292 11.94 -26.69 -12.65
C LYS A 292 12.93 -27.06 -11.55
N PHE A 293 13.55 -28.23 -11.63
CA PHE A 293 14.47 -28.65 -10.57
C PHE A 293 15.85 -29.17 -10.99
N TRP A 294 16.79 -29.09 -10.05
CA TRP A 294 18.16 -29.58 -10.22
C TRP A 294 18.61 -30.23 -8.90
N ASP A 295 19.47 -31.24 -9.00
CA ASP A 295 20.01 -31.93 -7.83
C ASP A 295 21.52 -31.75 -7.77
N TYR A 296 22.03 -31.60 -6.55
CA TYR A 296 23.47 -31.49 -6.31
C TYR A 296 23.83 -32.63 -5.36
N ASP A 297 24.76 -33.49 -5.76
CA ASP A 297 25.17 -34.60 -4.92
C ASP A 297 26.34 -34.11 -4.06
N LEU A 298 26.10 -33.96 -2.77
CA LEU A 298 27.14 -33.47 -1.87
C LEU A 298 28.03 -34.59 -1.31
N VAL A 299 27.70 -35.83 -1.64
CA VAL A 299 28.47 -36.96 -1.16
C VAL A 299 29.37 -37.58 -2.23
N ASN A 300 28.76 -37.98 -3.34
CA ASN A 300 29.50 -38.61 -4.43
C ASN A 300 29.53 -37.80 -5.73
N GLY A 301 29.51 -36.47 -5.62
CA GLY A 301 29.54 -35.64 -6.80
C GLY A 301 30.87 -34.96 -7.02
N GLY A 302 31.87 -35.36 -6.24
CA GLY A 302 33.19 -34.74 -6.39
C GLY A 302 33.33 -33.45 -5.61
N ALA A 303 34.46 -32.77 -5.77
CA ALA A 303 34.72 -31.52 -5.06
C ALA A 303 33.85 -30.36 -5.53
N GLU A 304 33.31 -30.45 -6.73
CA GLU A 304 32.48 -29.38 -7.25
C GLU A 304 31.22 -29.96 -7.87
N PRO A 305 30.27 -30.35 -7.02
CA PRO A 305 29.02 -30.94 -7.53
C PRO A 305 28.39 -29.99 -8.55
N GLN A 306 27.87 -30.56 -9.63
CA GLN A 306 27.22 -29.77 -10.67
C GLN A 306 25.72 -30.02 -10.59
N PRO A 307 24.90 -29.03 -11.01
CA PRO A 307 23.45 -29.22 -10.96
C PRO A 307 22.95 -30.22 -12.00
N VAL A 308 22.30 -31.27 -11.55
CA VAL A 308 21.78 -32.27 -12.48
C VAL A 308 20.27 -32.10 -12.54
N GLU A 309 19.74 -31.88 -13.74
CA GLU A 309 18.31 -31.69 -13.92
C GLU A 309 17.48 -32.83 -13.39
N ASN A 310 16.41 -32.52 -12.68
CA ASN A 310 15.53 -33.54 -12.14
C ASN A 310 14.19 -33.35 -12.84
N GLY A 311 13.80 -34.34 -13.64
CA GLY A 311 12.55 -34.22 -14.39
C GLY A 311 11.24 -34.55 -13.71
N LEU A 312 11.27 -34.86 -12.42
CA LEU A 312 10.04 -35.20 -11.73
C LEU A 312 9.10 -34.00 -11.59
N PRO A 313 7.78 -34.25 -11.60
CA PRO A 313 6.84 -33.14 -11.44
C PRO A 313 6.97 -32.80 -9.95
N LEU A 314 6.47 -31.64 -9.53
CA LEU A 314 6.60 -31.23 -8.13
C LEU A 314 6.23 -32.28 -7.08
N GLU A 315 5.08 -32.92 -7.23
CA GLU A 315 4.67 -33.93 -6.24
C GLU A 315 5.72 -35.02 -6.12
N GLY A 316 6.24 -35.50 -7.25
CA GLY A 316 7.24 -36.55 -7.21
C GLY A 316 8.57 -36.06 -6.65
N LEU A 317 8.90 -34.79 -6.94
CA LEU A 317 10.15 -34.23 -6.45
C LEU A 317 10.18 -34.13 -4.94
N LEU A 318 9.06 -33.66 -4.38
CA LEU A 318 8.96 -33.50 -2.94
C LEU A 318 9.00 -34.86 -2.26
N GLN A 319 8.33 -35.84 -2.87
CA GLN A 319 8.29 -37.19 -2.33
C GLN A 319 9.69 -37.77 -2.30
N SER A 320 10.53 -37.40 -3.27
CA SER A 320 11.90 -37.91 -3.32
C SER A 320 12.73 -37.30 -2.19
N ILE A 321 12.21 -36.25 -1.57
CA ILE A 321 12.91 -35.60 -0.47
C ILE A 321 12.44 -36.14 0.87
N ILE A 322 11.14 -36.21 1.09
CA ILE A 322 10.65 -36.69 2.37
C ILE A 322 10.31 -38.16 2.38
N ASN A 323 10.38 -38.79 1.21
CA ASN A 323 10.11 -40.22 1.06
C ASN A 323 8.72 -40.53 1.55
N LYS A 324 7.76 -39.75 1.09
CA LYS A 324 6.37 -39.90 1.53
C LYS A 324 5.56 -39.01 0.59
N LYS A 325 4.33 -39.38 0.29
CA LYS A 325 3.53 -38.55 -0.61
C LYS A 325 3.24 -37.19 0.03
N PRO A 326 3.57 -36.10 -0.66
CA PRO A 326 3.33 -34.79 -0.07
C PRO A 326 1.89 -34.35 -0.23
N VAL A 327 1.49 -33.42 0.62
CA VAL A 327 0.14 -32.85 0.53
C VAL A 327 0.43 -31.43 0.05
N LEU A 328 -0.10 -31.10 -1.13
CA LEU A 328 0.11 -29.78 -1.71
C LEU A 328 -1.11 -28.92 -1.56
N ILE A 329 -0.99 -27.84 -0.77
CA ILE A 329 -2.09 -26.91 -0.52
C ILE A 329 -1.88 -25.66 -1.39
N PRO A 330 -2.88 -25.33 -2.24
CA PRO A 330 -2.79 -24.17 -3.13
C PRO A 330 -3.27 -22.86 -2.50
N ILE A 331 -2.58 -21.77 -2.80
CA ILE A 331 -2.97 -20.45 -2.28
C ILE A 331 -4.46 -20.24 -2.54
N ALA A 332 -5.17 -19.71 -1.53
CA ALA A 332 -6.60 -19.40 -1.60
C ALA A 332 -7.50 -20.63 -1.62
N GLY A 333 -6.90 -21.80 -1.59
CA GLY A 333 -7.68 -23.04 -1.55
C GLY A 333 -8.36 -23.49 -2.81
N GLU A 334 -8.94 -24.69 -2.73
CA GLU A 334 -9.66 -25.27 -3.86
C GLU A 334 -10.83 -24.43 -4.33
N GLY A 335 -10.91 -24.24 -5.64
CA GLY A 335 -12.02 -23.50 -6.21
C GLY A 335 -11.87 -21.99 -6.23
N ALA A 336 -10.80 -21.45 -5.63
CA ALA A 336 -10.57 -20.01 -5.62
C ALA A 336 -10.55 -19.48 -7.05
N SER A 337 -10.93 -18.23 -7.22
CA SER A 337 -10.92 -17.63 -8.55
C SER A 337 -9.47 -17.23 -8.82
N GLN A 338 -9.16 -16.93 -10.07
CA GLN A 338 -7.82 -16.52 -10.43
C GLN A 338 -7.50 -15.18 -9.74
N MET A 339 -8.52 -14.32 -9.59
CA MET A 339 -8.31 -13.05 -8.92
C MET A 339 -7.90 -13.30 -7.47
N GLU A 340 -8.58 -14.23 -6.82
CA GLU A 340 -8.24 -14.54 -5.43
C GLU A 340 -6.81 -15.11 -5.34
N ILE A 341 -6.46 -16.01 -6.25
CA ILE A 341 -5.12 -16.59 -6.23
C ILE A 341 -4.08 -15.49 -6.47
N GLU A 342 -4.35 -14.60 -7.42
CA GLU A 342 -3.40 -13.54 -7.70
C GLU A 342 -3.25 -12.58 -6.51
N ARG A 343 -4.37 -12.22 -5.89
CA ARG A 343 -4.30 -11.31 -4.77
C ARG A 343 -3.59 -11.92 -3.55
N GLU A 344 -3.96 -13.14 -3.15
CA GLU A 344 -3.33 -13.72 -1.98
C GLU A 344 -1.88 -14.12 -2.23
N THR A 345 -1.56 -14.53 -3.46
CA THR A 345 -0.18 -14.88 -3.79
C THR A 345 0.63 -13.58 -3.69
N HIS A 346 0.03 -12.48 -4.15
CA HIS A 346 0.68 -11.17 -4.12
C HIS A 346 1.07 -10.75 -2.70
N PHE A 347 0.22 -11.04 -1.73
CA PHE A 347 0.55 -10.67 -0.37
C PHE A 347 1.25 -11.78 0.40
N ASP A 348 2.16 -12.45 -0.30
CA ASP A 348 2.97 -13.51 0.28
C ASP A 348 2.18 -14.57 1.04
N GLY A 349 1.08 -15.01 0.41
CA GLY A 349 0.23 -16.03 0.99
C GLY A 349 0.94 -17.35 1.22
N THR A 350 2.06 -17.59 0.55
CA THR A 350 2.78 -18.85 0.77
C THR A 350 3.77 -18.69 1.93
N ASN A 351 4.03 -17.46 2.32
CA ASN A 351 5.08 -17.15 3.32
C ASN A 351 4.81 -17.25 4.83
N TYR A 352 4.41 -18.43 5.29
CA TYR A 352 4.13 -18.63 6.71
C TYR A 352 5.35 -19.20 7.43
N LEU A 353 5.44 -18.86 8.71
CA LEU A 353 6.52 -19.36 9.54
C LEU A 353 5.98 -20.50 10.37
N ALA A 354 6.58 -21.68 10.25
CA ALA A 354 6.18 -22.82 11.06
C ALA A 354 6.91 -22.71 12.40
N ILE A 355 6.17 -22.73 13.51
CA ILE A 355 6.79 -22.65 14.84
C ILE A 355 6.89 -24.02 15.49
N ARG A 356 6.27 -25.00 14.83
CA ARG A 356 6.28 -26.42 15.20
C ARG A 356 5.48 -27.10 14.08
N PRO A 357 5.63 -28.41 13.91
CA PRO A 357 4.90 -29.10 12.83
C PRO A 357 3.40 -28.85 12.74
N GLY A 358 2.97 -28.31 11.61
CA GLY A 358 1.54 -28.06 11.41
C GLY A 358 0.96 -26.89 12.18
N VAL A 359 1.81 -26.01 12.68
CA VAL A 359 1.35 -24.83 13.41
C VAL A 359 2.15 -23.65 12.87
N VAL A 360 1.45 -22.70 12.26
CA VAL A 360 2.11 -21.58 11.65
C VAL A 360 1.57 -20.20 12.02
N ILE A 361 2.36 -19.19 11.70
CA ILE A 361 2.00 -17.79 11.95
C ILE A 361 2.12 -17.06 10.62
N GLY A 362 1.19 -16.15 10.35
CA GLY A 362 1.22 -15.40 9.11
C GLY A 362 0.12 -14.33 9.15
N TYR A 363 0.08 -13.44 8.16
CA TYR A 363 -0.91 -12.37 8.14
C TYR A 363 -2.36 -12.85 8.08
N SER A 364 -3.22 -12.13 8.78
CA SER A 364 -4.64 -12.43 8.80
C SER A 364 -5.32 -12.09 7.47
N ARG A 365 -4.74 -11.17 6.71
CA ARG A 365 -5.36 -10.70 5.47
C ARG A 365 -5.63 -11.76 4.40
N ASN A 366 -4.77 -12.76 4.31
CA ASN A 366 -4.96 -13.81 3.33
C ASN A 366 -5.94 -14.85 3.88
N GLU A 367 -7.20 -14.44 4.03
CA GLU A 367 -8.23 -15.30 4.60
C GLU A 367 -8.54 -16.59 3.88
N LYS A 368 -8.47 -16.61 2.55
CA LYS A 368 -8.78 -17.86 1.87
C LYS A 368 -7.66 -18.86 2.09
N THR A 369 -6.42 -18.37 2.15
CA THR A 369 -5.30 -19.28 2.39
C THR A 369 -5.37 -19.78 3.85
N ASN A 370 -5.70 -18.89 4.78
CA ASN A 370 -5.82 -19.30 6.18
C ASN A 370 -6.88 -20.43 6.29
N ALA A 371 -8.02 -20.24 5.61
CA ALA A 371 -9.06 -21.27 5.64
C ALA A 371 -8.55 -22.59 5.05
N ALA A 372 -7.87 -22.51 3.90
CA ALA A 372 -7.33 -23.72 3.27
C ALA A 372 -6.33 -24.44 4.17
N LEU A 373 -5.50 -23.69 4.89
CA LEU A 373 -4.53 -24.30 5.78
C LEU A 373 -5.26 -25.02 6.91
N GLU A 374 -6.22 -24.35 7.55
CA GLU A 374 -6.97 -24.98 8.63
C GLU A 374 -7.69 -26.22 8.09
N ALA A 375 -8.24 -26.13 6.89
CA ALA A 375 -8.94 -27.27 6.31
C ALA A 375 -7.98 -28.42 6.02
N ALA A 376 -6.69 -28.13 5.89
CA ALA A 376 -5.71 -29.18 5.61
C ALA A 376 -5.13 -29.75 6.91
N GLY A 377 -5.64 -29.28 8.04
CA GLY A 377 -5.15 -29.78 9.31
C GLY A 377 -4.03 -28.97 9.90
N ILE A 378 -3.78 -27.77 9.39
CA ILE A 378 -2.72 -26.92 9.93
C ILE A 378 -3.31 -25.83 10.79
N LYS A 379 -2.78 -25.69 11.99
CA LYS A 379 -3.24 -24.66 12.91
C LYS A 379 -2.60 -23.33 12.57
N VAL A 380 -3.45 -22.33 12.35
CA VAL A 380 -2.96 -21.01 12.00
C VAL A 380 -3.13 -20.02 13.15
N LEU A 381 -2.05 -19.31 13.46
CA LEU A 381 -2.07 -18.29 14.50
C LEU A 381 -1.84 -16.98 13.73
N PRO A 382 -2.91 -16.35 13.24
CA PRO A 382 -2.77 -15.10 12.49
C PRO A 382 -2.55 -13.87 13.34
N PHE A 383 -2.12 -12.79 12.69
CA PHE A 383 -1.95 -11.52 13.37
C PHE A 383 -2.13 -10.50 12.29
N HIS A 384 -2.55 -9.29 12.68
CA HIS A 384 -2.75 -8.25 11.68
C HIS A 384 -1.42 -7.57 11.36
N GLY A 385 -1.05 -7.61 10.09
CA GLY A 385 0.19 -7.00 9.68
C GLY A 385 0.04 -6.36 8.32
N ASN A 386 -1.06 -5.63 8.13
CA ASN A 386 -1.28 -5.04 6.82
C ASN A 386 -0.19 -4.05 6.40
N GLN A 387 0.28 -3.21 7.32
CA GLN A 387 1.35 -2.28 6.94
C GLN A 387 2.63 -3.05 6.61
N LEU A 388 3.02 -3.96 7.50
CA LEU A 388 4.24 -4.73 7.29
C LEU A 388 4.22 -5.44 5.92
N SER A 389 3.03 -5.90 5.51
CA SER A 389 2.88 -6.60 4.24
C SER A 389 3.25 -5.76 3.02
N LEU A 390 3.16 -4.44 3.14
CA LEU A 390 3.48 -3.56 2.03
C LEU A 390 4.97 -3.66 1.66
N GLY A 391 5.76 -4.26 2.54
CA GLY A 391 7.19 -4.41 2.29
C GLY A 391 7.43 -5.64 1.46
N MET A 392 6.34 -6.32 1.11
CA MET A 392 6.41 -7.51 0.27
C MET A 392 7.05 -8.75 0.91
N GLY A 393 6.69 -9.00 2.17
CA GLY A 393 7.17 -10.18 2.86
C GLY A 393 6.13 -10.50 3.92
N ASN A 394 6.08 -11.75 4.38
CA ASN A 394 5.12 -12.20 5.42
C ASN A 394 5.97 -12.63 6.63
N ALA A 395 5.37 -13.41 7.52
CA ALA A 395 6.07 -13.87 8.72
C ALA A 395 7.38 -14.63 8.51
N ARG A 396 7.45 -15.48 7.50
CA ARG A 396 8.70 -16.23 7.31
C ARG A 396 9.80 -15.27 6.95
N CYS A 397 9.44 -14.26 6.14
CA CYS A 397 10.39 -13.21 5.72
C CYS A 397 10.85 -12.37 6.89
N MET A 398 10.02 -12.24 7.92
CA MET A 398 10.39 -11.42 9.06
C MET A 398 11.04 -12.19 10.21
N SER A 399 11.58 -13.36 9.91
CA SER A 399 12.23 -14.17 10.92
C SER A 399 13.36 -15.04 10.39
N MET A 400 14.32 -15.34 11.26
CA MET A 400 15.41 -16.24 10.93
C MET A 400 15.62 -17.19 12.11
N PRO A 401 15.13 -18.43 11.99
CA PRO A 401 15.29 -19.39 13.08
C PRO A 401 16.78 -19.51 13.43
N LEU A 402 17.11 -19.61 14.72
CA LEU A 402 18.50 -19.78 15.17
C LEU A 402 18.67 -21.19 15.73
N SER A 403 17.58 -21.74 16.26
CA SER A 403 17.58 -23.10 16.77
C SER A 403 16.17 -23.68 16.80
N ARG A 404 16.05 -24.94 16.42
CA ARG A 404 14.78 -25.67 16.42
C ARG A 404 15.02 -27.04 17.05
N LYS A 405 14.00 -27.55 17.73
CA LYS A 405 14.05 -28.87 18.35
C LYS A 405 14.03 -29.89 17.23
N ASP A 406 14.69 -31.03 17.44
CA ASP A 406 14.71 -32.08 16.42
C ASP A 406 13.29 -32.45 16.05
N VAL A 407 13.11 -32.92 14.82
CA VAL A 407 11.80 -33.34 14.37
C VAL A 407 11.70 -34.86 14.50
N LYS A 408 10.54 -35.32 14.95
CA LYS A 408 10.28 -36.75 15.08
C LYS A 408 9.66 -37.12 13.75
N TRP A 409 10.48 -37.35 12.74
CA TRP A 409 9.95 -37.70 11.43
C TRP A 409 9.11 -38.96 11.48
N SER B 1 -36.70 7.85 3.69
CA SER B 1 -35.78 8.41 2.68
C SER B 1 -34.36 8.56 3.26
N VAL B 2 -33.37 8.54 2.36
CA VAL B 2 -31.99 8.69 2.76
C VAL B 2 -31.80 10.15 3.19
N PHE B 3 -32.66 11.01 2.68
CA PHE B 3 -32.63 12.44 3.01
C PHE B 3 -33.49 12.73 4.23
N ASP B 4 -32.99 13.56 5.15
CA ASP B 4 -33.82 13.90 6.30
C ASP B 4 -34.82 14.95 5.81
N SER B 5 -35.81 15.26 6.64
CA SER B 5 -36.85 16.21 6.27
C SER B 5 -36.40 17.64 5.91
N LYS B 6 -35.28 18.10 6.47
CA LYS B 6 -34.83 19.45 6.18
C LYS B 6 -34.18 19.61 4.82
N PHE B 7 -33.66 18.50 4.28
CA PHE B 7 -33.04 18.58 2.97
C PHE B 7 -34.07 19.06 1.95
N LYS B 8 -33.74 20.13 1.25
CA LYS B 8 -34.63 20.69 0.24
C LYS B 8 -34.09 20.36 -1.13
N GLY B 9 -32.82 20.68 -1.33
CA GLY B 9 -32.15 20.43 -2.58
C GLY B 9 -30.68 20.75 -2.39
N ILE B 10 -29.95 20.79 -3.49
CA ILE B 10 -28.54 21.11 -3.48
C ILE B 10 -28.37 22.56 -3.02
N HIS B 11 -27.53 22.77 -2.00
CA HIS B 11 -27.31 24.10 -1.48
C HIS B 11 -25.88 24.19 -0.92
N VAL B 12 -24.91 24.35 -1.82
CA VAL B 12 -23.52 24.40 -1.42
C VAL B 12 -22.82 25.63 -1.96
N TYR B 13 -22.73 26.67 -1.13
CA TYR B 13 -22.10 27.91 -1.55
C TYR B 13 -20.78 28.22 -0.84
N SER B 14 -20.13 27.19 -0.32
CA SER B 14 -18.84 27.34 0.36
C SER B 14 -18.17 25.98 0.51
N GLU B 15 -16.94 26.00 1.02
CA GLU B 15 -16.18 24.78 1.26
C GLU B 15 -16.20 24.47 2.74
N ILE B 16 -16.66 25.44 3.52
CA ILE B 16 -16.63 25.35 4.97
C ILE B 16 -17.93 25.43 5.77
N GLY B 17 -19.01 25.87 5.12
CA GLY B 17 -20.28 26.00 5.82
C GLY B 17 -20.69 24.74 6.56
N GLU B 18 -21.33 24.91 7.71
CA GLU B 18 -21.78 23.79 8.53
C GLU B 18 -22.48 22.74 7.65
N LEU B 19 -21.84 21.58 7.51
CA LEU B 19 -22.33 20.50 6.66
C LEU B 19 -23.65 19.90 7.16
N GLU B 20 -24.65 19.90 6.28
CA GLU B 20 -25.97 19.36 6.63
C GLU B 20 -26.15 17.96 6.05
N SER B 21 -25.95 17.84 4.74
CA SER B 21 -26.10 16.56 4.07
C SER B 21 -24.88 16.29 3.21
N VAL B 22 -24.40 15.04 3.20
CA VAL B 22 -23.21 14.67 2.42
C VAL B 22 -23.35 13.27 1.82
N LEU B 23 -22.83 13.10 0.61
CA LEU B 23 -22.91 11.80 -0.07
C LEU B 23 -21.60 11.00 0.05
N VAL B 24 -21.72 9.75 0.45
CA VAL B 24 -20.55 8.88 0.59
C VAL B 24 -20.85 7.52 -0.03
N HIS B 25 -19.86 6.65 -0.03
CA HIS B 25 -20.06 5.30 -0.54
C HIS B 25 -19.03 4.39 0.07
N GLU B 26 -19.49 3.44 0.87
CA GLU B 26 -18.61 2.48 1.48
C GLU B 26 -18.20 1.49 0.39
N PRO B 27 -16.89 1.25 0.23
CA PRO B 27 -16.44 0.33 -0.81
C PRO B 27 -17.08 -1.04 -0.72
N GLY B 28 -17.81 -1.40 -1.77
CA GLY B 28 -18.48 -2.69 -1.82
C GLY B 28 -17.57 -3.76 -2.40
N ARG B 29 -18.17 -4.77 -3.03
CA ARG B 29 -17.43 -5.88 -3.62
C ARG B 29 -16.49 -5.43 -4.73
N GLU B 30 -16.74 -4.26 -5.31
CA GLU B 30 -15.90 -3.77 -6.40
C GLU B 30 -14.40 -3.74 -6.09
N ILE B 31 -14.01 -3.43 -4.86
CA ILE B 31 -12.58 -3.41 -4.54
C ILE B 31 -12.00 -4.82 -4.36
N ASP B 32 -12.85 -5.86 -4.28
CA ASP B 32 -12.34 -7.22 -4.14
C ASP B 32 -11.77 -7.72 -5.48
N TYR B 33 -12.15 -7.05 -6.56
CA TYR B 33 -11.70 -7.44 -7.90
C TYR B 33 -10.45 -6.69 -8.38
N ILE B 34 -9.88 -5.87 -7.52
CA ILE B 34 -8.65 -5.18 -7.89
C ILE B 34 -7.53 -6.22 -7.79
N THR B 35 -6.77 -6.39 -8.88
CA THR B 35 -5.67 -7.34 -8.90
C THR B 35 -4.34 -6.65 -9.18
N PRO B 36 -3.22 -7.28 -8.82
CA PRO B 36 -1.89 -6.72 -9.03
C PRO B 36 -1.63 -6.16 -10.41
N ALA B 37 -1.96 -6.94 -11.44
CA ALA B 37 -1.72 -6.55 -12.82
C ALA B 37 -2.53 -5.34 -13.30
N ARG B 38 -3.65 -5.07 -12.62
CA ARG B 38 -4.52 -3.96 -13.01
C ARG B 38 -4.53 -2.75 -12.09
N LEU B 39 -3.56 -2.68 -11.18
CA LEU B 39 -3.49 -1.55 -10.26
C LEU B 39 -3.43 -0.19 -10.95
N ASP B 40 -2.50 -0.03 -11.89
CA ASP B 40 -2.38 1.25 -12.58
C ASP B 40 -3.67 1.56 -13.34
N GLU B 41 -4.17 0.58 -14.08
CA GLU B 41 -5.38 0.79 -14.84
C GLU B 41 -6.56 1.20 -13.94
N LEU B 42 -6.75 0.49 -12.84
CA LEU B 42 -7.88 0.78 -11.94
C LEU B 42 -7.70 1.98 -11.01
N LEU B 43 -6.53 2.60 -11.08
CA LEU B 43 -6.19 3.80 -10.31
C LEU B 43 -5.93 3.62 -8.81
N PHE B 44 -5.25 2.55 -8.41
CA PHE B 44 -4.95 2.32 -7.00
C PHE B 44 -3.44 2.22 -6.82
N SER B 45 -2.91 2.76 -5.72
CA SER B 45 -1.46 2.74 -5.48
C SER B 45 -1.02 1.37 -4.98
N ALA B 46 -1.98 0.62 -4.44
CA ALA B 46 -1.72 -0.72 -3.92
C ALA B 46 -3.07 -1.31 -3.61
N ILE B 47 -3.09 -2.63 -3.44
CA ILE B 47 -4.31 -3.34 -3.14
C ILE B 47 -4.71 -3.19 -1.67
N LEU B 48 -5.90 -2.64 -1.45
CA LEU B 48 -6.45 -2.44 -0.12
C LEU B 48 -6.90 -3.75 0.51
N GLU B 49 -6.86 -3.81 1.83
CA GLU B 49 -7.36 -4.99 2.52
C GLU B 49 -8.83 -4.59 2.69
N SER B 50 -9.71 -5.28 1.97
CA SER B 50 -11.15 -4.96 1.96
C SER B 50 -11.87 -4.85 3.30
N HIS B 51 -11.67 -5.83 4.16
CA HIS B 51 -12.35 -5.79 5.44
C HIS B 51 -12.00 -4.56 6.28
N ASP B 52 -10.71 -4.28 6.43
CA ASP B 52 -10.31 -3.09 7.18
C ASP B 52 -10.83 -1.83 6.48
N ALA B 53 -10.75 -1.79 5.15
CA ALA B 53 -11.19 -0.60 4.42
C ALA B 53 -12.65 -0.28 4.76
N ARG B 54 -13.50 -1.30 4.75
CA ARG B 54 -14.90 -1.08 5.05
C ARG B 54 -15.09 -0.65 6.50
N LYS B 55 -14.28 -1.22 7.39
CA LYS B 55 -14.37 -0.82 8.80
C LYS B 55 -13.94 0.65 8.94
N GLU B 56 -12.88 1.04 8.24
CA GLU B 56 -12.41 2.44 8.30
C GLU B 56 -13.48 3.41 7.80
N HIS B 57 -14.15 3.04 6.73
CA HIS B 57 -15.19 3.89 6.15
C HIS B 57 -16.35 4.07 7.12
N LYS B 58 -16.70 3.01 7.86
CA LYS B 58 -17.78 3.10 8.84
C LYS B 58 -17.39 4.08 9.97
N GLN B 59 -16.10 4.12 10.34
CA GLN B 59 -15.68 5.06 11.37
C GLN B 59 -15.81 6.48 10.81
N PHE B 60 -15.46 6.64 9.54
CA PHE B 60 -15.54 7.94 8.87
C PHE B 60 -16.99 8.41 8.97
N VAL B 61 -17.91 7.54 8.53
CA VAL B 61 -19.34 7.82 8.56
C VAL B 61 -19.83 8.10 9.98
N ALA B 62 -19.34 7.32 10.94
CA ALA B 62 -19.75 7.53 12.31
C ALA B 62 -19.36 8.93 12.80
N GLU B 63 -18.12 9.34 12.55
CA GLU B 63 -17.66 10.66 12.95
C GLU B 63 -18.58 11.73 12.36
N LEU B 64 -18.92 11.57 11.10
CA LEU B 64 -19.80 12.51 10.41
C LEU B 64 -21.14 12.59 11.14
N LYS B 65 -21.71 11.43 11.44
CA LYS B 65 -22.99 11.37 12.13
C LYS B 65 -22.93 11.96 13.52
N ALA B 66 -21.84 11.73 14.22
CA ALA B 66 -21.67 12.27 15.58
C ALA B 66 -21.69 13.79 15.57
N ASN B 67 -21.57 14.37 14.37
CA ASN B 67 -21.57 15.82 14.23
C ASN B 67 -22.90 16.26 13.60
N ASP B 68 -23.93 15.44 13.81
CA ASP B 68 -25.29 15.68 13.32
C ASP B 68 -25.38 15.89 11.83
N ILE B 69 -24.59 15.15 11.08
CA ILE B 69 -24.60 15.27 9.64
C ILE B 69 -25.45 14.15 9.05
N ASN B 70 -26.28 14.51 8.08
CA ASN B 70 -27.14 13.54 7.39
C ASN B 70 -26.26 12.87 6.35
N VAL B 71 -25.87 11.61 6.59
CA VAL B 71 -25.01 10.87 5.67
C VAL B 71 -25.81 10.01 4.71
N VAL B 72 -25.62 10.24 3.42
CA VAL B 72 -26.33 9.50 2.38
C VAL B 72 -25.41 8.53 1.65
N GLU B 73 -25.73 7.24 1.69
CA GLU B 73 -24.96 6.21 1.00
C GLU B 73 -25.43 6.11 -0.46
N LEU B 74 -24.48 6.27 -1.39
CA LEU B 74 -24.79 6.21 -2.82
C LEU B 74 -25.71 5.06 -3.21
N ILE B 75 -25.41 3.87 -2.72
CA ILE B 75 -26.23 2.71 -3.07
C ILE B 75 -27.70 2.90 -2.70
N ASP B 76 -27.94 3.34 -1.48
CA ASP B 76 -29.31 3.55 -1.03
C ASP B 76 -30.02 4.66 -1.78
N LEU B 77 -29.29 5.73 -2.11
CA LEU B 77 -29.89 6.84 -2.85
C LEU B 77 -30.32 6.38 -4.24
N VAL B 78 -29.45 5.57 -4.87
CA VAL B 78 -29.75 5.07 -6.20
C VAL B 78 -30.95 4.11 -6.19
N ALA B 79 -30.98 3.21 -5.21
CA ALA B 79 -32.07 2.25 -5.09
C ALA B 79 -33.39 2.93 -4.72
N GLU B 80 -33.32 3.97 -3.89
CA GLU B 80 -34.51 4.69 -3.51
C GLU B 80 -35.06 5.35 -4.78
N THR B 81 -34.17 5.96 -5.54
CA THR B 81 -34.53 6.62 -6.78
C THR B 81 -35.10 5.63 -7.79
N TYR B 82 -34.52 4.44 -7.83
CA TYR B 82 -34.97 3.40 -8.74
C TYR B 82 -36.39 2.96 -8.36
N ASP B 83 -36.63 2.82 -7.06
CA ASP B 83 -37.92 2.38 -6.57
C ASP B 83 -39.08 3.31 -6.95
N LEU B 84 -38.84 4.61 -7.00
CA LEU B 84 -39.89 5.55 -7.34
C LEU B 84 -39.76 6.05 -8.79
N ALA B 85 -38.87 5.44 -9.55
CA ALA B 85 -38.67 5.85 -10.94
C ALA B 85 -39.65 5.18 -11.89
N SER B 86 -39.91 5.85 -13.00
CA SER B 86 -40.82 5.33 -14.01
C SER B 86 -40.17 4.10 -14.62
N GLN B 87 -41.00 3.19 -15.11
CA GLN B 87 -40.50 1.97 -15.73
C GLN B 87 -39.50 2.25 -16.83
N GLU B 88 -39.73 3.30 -17.61
CA GLU B 88 -38.80 3.63 -18.70
C GLU B 88 -37.45 4.05 -18.13
N ALA B 89 -37.48 4.79 -17.01
CA ALA B 89 -36.25 5.22 -16.38
C ALA B 89 -35.52 3.97 -15.91
N LYS B 90 -36.28 3.07 -15.27
CA LYS B 90 -35.71 1.81 -14.78
C LYS B 90 -35.04 1.01 -15.89
N ASP B 91 -35.73 0.81 -17.01
CA ASP B 91 -35.16 0.04 -18.11
C ASP B 91 -33.99 0.76 -18.78
N LYS B 92 -34.07 2.09 -18.86
CA LYS B 92 -33.00 2.85 -19.51
C LYS B 92 -31.69 2.78 -18.71
N LEU B 93 -31.81 2.70 -17.39
CA LEU B 93 -30.61 2.61 -16.55
C LEU B 93 -29.88 1.31 -16.91
N ILE B 94 -30.63 0.22 -17.02
CA ILE B 94 -30.03 -1.06 -17.37
C ILE B 94 -29.44 -1.07 -18.77
N GLU B 95 -30.09 -0.38 -19.70
CA GLU B 95 -29.57 -0.35 -21.07
C GLU B 95 -28.31 0.50 -21.16
N GLU B 96 -28.32 1.66 -20.52
CA GLU B 96 -27.13 2.53 -20.54
C GLU B 96 -25.96 1.85 -19.83
N PHE B 97 -26.26 1.10 -18.76
CA PHE B 97 -25.22 0.37 -18.04
C PHE B 97 -24.57 -0.60 -19.03
N LEU B 98 -25.39 -1.36 -19.76
CA LEU B 98 -24.89 -2.32 -20.73
C LEU B 98 -24.09 -1.68 -21.86
N GLU B 99 -24.57 -0.55 -22.36
CA GLU B 99 -23.91 0.16 -23.44
C GLU B 99 -22.57 0.77 -23.04
N ASP B 100 -22.47 1.24 -21.80
CA ASP B 100 -21.24 1.87 -21.32
C ASP B 100 -20.32 0.88 -20.61
N SER B 101 -20.68 -0.40 -20.67
CA SER B 101 -19.87 -1.42 -20.02
C SER B 101 -18.44 -1.47 -20.48
N GLU B 102 -17.59 -1.94 -19.58
CA GLU B 102 -16.19 -2.12 -19.84
C GLU B 102 -15.89 -3.45 -19.13
N PRO B 103 -15.41 -4.45 -19.87
CA PRO B 103 -15.13 -4.44 -21.31
C PRO B 103 -16.44 -4.28 -22.09
N VAL B 104 -16.32 -4.01 -23.38
CA VAL B 104 -17.48 -3.88 -24.25
C VAL B 104 -18.09 -5.27 -24.39
N LEU B 105 -19.40 -5.37 -24.21
CA LEU B 105 -20.11 -6.63 -24.27
C LEU B 105 -20.54 -7.15 -25.65
N SER B 106 -20.18 -8.39 -25.95
CA SER B 106 -20.62 -9.01 -27.20
C SER B 106 -22.14 -9.03 -27.06
N GLU B 107 -22.87 -9.23 -28.15
CA GLU B 107 -24.33 -9.25 -28.05
C GLU B 107 -24.84 -10.40 -27.18
N GLU B 108 -24.18 -11.56 -27.27
CA GLU B 108 -24.59 -12.71 -26.47
C GLU B 108 -24.50 -12.44 -24.98
N HIS B 109 -23.39 -11.85 -24.56
CA HIS B 109 -23.18 -11.54 -23.15
C HIS B 109 -24.12 -10.44 -22.70
N LYS B 110 -24.48 -9.54 -23.61
CA LYS B 110 -25.37 -8.45 -23.25
C LYS B 110 -26.74 -9.03 -22.86
N VAL B 111 -27.19 -10.02 -23.62
CA VAL B 111 -28.47 -10.66 -23.35
C VAL B 111 -28.41 -11.33 -21.98
N VAL B 112 -27.35 -12.10 -21.75
CA VAL B 112 -27.18 -12.80 -20.48
C VAL B 112 -27.11 -11.80 -19.32
N VAL B 113 -26.37 -10.72 -19.50
CA VAL B 113 -26.23 -9.74 -18.45
C VAL B 113 -27.54 -9.01 -18.19
N ARG B 114 -28.24 -8.61 -19.24
CA ARG B 114 -29.50 -7.88 -19.07
C ARG B 114 -30.50 -8.74 -18.31
N ASN B 115 -30.54 -10.02 -18.67
CA ASN B 115 -31.43 -10.96 -18.02
C ASN B 115 -31.05 -11.15 -16.56
N PHE B 116 -29.75 -11.21 -16.29
CA PHE B 116 -29.25 -11.37 -14.94
C PHE B 116 -29.64 -10.13 -14.12
N LEU B 117 -29.38 -8.95 -14.65
CA LEU B 117 -29.71 -7.74 -13.93
C LEU B 117 -31.20 -7.70 -13.62
N LYS B 118 -32.03 -7.88 -14.65
CA LYS B 118 -33.48 -7.85 -14.48
C LYS B 118 -34.03 -8.91 -13.53
N ALA B 119 -33.27 -9.98 -13.31
CA ALA B 119 -33.71 -11.04 -12.41
C ALA B 119 -33.41 -10.74 -10.95
N LYS B 120 -32.72 -9.64 -10.69
CA LYS B 120 -32.39 -9.28 -9.31
C LYS B 120 -33.67 -8.93 -8.55
N LYS B 121 -33.85 -9.60 -7.41
CA LYS B 121 -35.01 -9.44 -6.57
C LYS B 121 -35.27 -8.05 -6.01
N THR B 122 -34.23 -7.41 -5.48
CA THR B 122 -34.44 -6.10 -4.90
C THR B 122 -33.71 -5.00 -5.64
N SER B 123 -34.12 -3.78 -5.34
CA SER B 123 -33.55 -2.58 -5.91
C SER B 123 -32.08 -2.44 -5.51
N ARG B 124 -31.79 -2.67 -4.22
CA ARG B 124 -30.43 -2.56 -3.71
C ARG B 124 -29.49 -3.59 -4.31
N GLU B 125 -29.97 -4.82 -4.49
CA GLU B 125 -29.12 -5.86 -5.07
C GLU B 125 -28.76 -5.48 -6.49
N LEU B 126 -29.71 -4.93 -7.23
CA LEU B 126 -29.43 -4.51 -8.59
C LEU B 126 -28.30 -3.49 -8.60
N VAL B 127 -28.44 -2.44 -7.80
CA VAL B 127 -27.44 -1.38 -7.71
C VAL B 127 -26.09 -1.93 -7.25
N GLU B 128 -26.11 -2.76 -6.22
CA GLU B 128 -24.87 -3.35 -5.71
C GLU B 128 -24.08 -4.05 -6.79
N ILE B 129 -24.74 -4.91 -7.55
CA ILE B 129 -24.07 -5.68 -8.60
C ILE B 129 -23.55 -4.81 -9.74
N MET B 130 -24.30 -3.76 -10.08
CA MET B 130 -23.89 -2.85 -11.15
C MET B 130 -22.61 -2.11 -10.75
N MET B 131 -22.44 -1.87 -9.46
CA MET B 131 -21.24 -1.20 -8.97
C MET B 131 -20.11 -2.19 -8.78
N ALA B 132 -20.46 -3.36 -8.27
CA ALA B 132 -19.47 -4.39 -7.99
C ALA B 132 -18.75 -4.94 -9.21
N GLY B 133 -19.50 -5.13 -10.29
CA GLY B 133 -18.90 -5.72 -11.48
C GLY B 133 -19.52 -7.10 -11.53
N ILE B 134 -19.39 -7.80 -12.65
CA ILE B 134 -20.02 -9.11 -12.82
C ILE B 134 -19.07 -10.16 -13.39
N THR B 135 -18.94 -11.29 -12.70
CA THR B 135 -18.04 -12.36 -13.13
C THR B 135 -18.78 -13.47 -13.88
N LYS B 136 -18.03 -14.29 -14.60
CA LYS B 136 -18.64 -15.39 -15.35
C LYS B 136 -19.28 -16.35 -14.35
N TYR B 137 -18.76 -16.34 -13.12
CA TYR B 137 -19.30 -17.18 -12.05
C TYR B 137 -20.70 -16.70 -11.69
N ASP B 138 -20.84 -15.38 -11.55
CA ASP B 138 -22.13 -14.77 -11.22
C ASP B 138 -23.20 -15.13 -12.25
N LEU B 139 -22.79 -15.17 -13.52
CA LEU B 139 -23.70 -15.46 -14.62
C LEU B 139 -23.93 -16.94 -14.88
N GLY B 140 -23.00 -17.76 -14.37
CA GLY B 140 -23.10 -19.20 -14.54
C GLY B 140 -22.72 -19.64 -15.94
N ILE B 141 -21.81 -18.89 -16.57
CA ILE B 141 -21.39 -19.22 -17.93
C ILE B 141 -19.89 -19.46 -18.05
N GLU B 142 -19.48 -20.03 -19.17
CA GLU B 142 -18.07 -20.27 -19.45
C GLU B 142 -17.60 -19.04 -20.22
N ALA B 143 -16.41 -18.55 -19.91
CA ALA B 143 -15.86 -17.39 -20.59
C ALA B 143 -14.34 -17.45 -20.54
N ASP B 144 -13.69 -16.78 -21.48
CA ASP B 144 -12.23 -16.77 -21.53
C ASP B 144 -11.61 -15.71 -20.62
N HIS B 145 -12.45 -15.05 -19.82
CA HIS B 145 -11.99 -14.07 -18.83
C HIS B 145 -13.01 -14.09 -17.69
N GLU B 146 -12.56 -13.82 -16.47
CA GLU B 146 -13.47 -13.87 -15.33
C GLU B 146 -14.44 -12.70 -15.17
N LEU B 147 -14.00 -11.49 -15.49
CA LEU B 147 -14.87 -10.32 -15.35
C LEU B 147 -15.62 -9.99 -16.64
N ILE B 148 -16.89 -10.36 -16.70
CA ILE B 148 -17.69 -10.08 -17.89
C ILE B 148 -17.93 -8.58 -17.94
N VAL B 149 -18.12 -7.97 -16.76
CA VAL B 149 -18.30 -6.53 -16.65
C VAL B 149 -17.38 -6.11 -15.49
N ASP B 150 -16.47 -5.19 -15.77
CA ASP B 150 -15.52 -4.70 -14.77
C ASP B 150 -16.16 -4.00 -13.58
N PRO B 151 -15.45 -4.00 -12.45
CA PRO B 151 -15.95 -3.34 -11.25
C PRO B 151 -15.78 -1.83 -11.45
N MET B 152 -16.32 -1.05 -10.52
CA MET B 152 -16.17 0.40 -10.50
C MET B 152 -15.54 0.59 -9.10
N PRO B 153 -14.29 0.16 -8.94
CA PRO B 153 -13.58 0.26 -7.66
C PRO B 153 -13.40 1.64 -7.06
N ASN B 154 -13.48 2.69 -7.87
CA ASN B 154 -13.29 4.04 -7.34
C ASN B 154 -14.55 4.73 -6.86
N LEU B 155 -15.66 4.00 -6.87
CA LEU B 155 -16.93 4.58 -6.43
C LEU B 155 -16.88 5.21 -5.05
N TYR B 156 -16.06 4.65 -4.15
CA TYR B 156 -16.03 5.23 -2.81
C TYR B 156 -15.50 6.67 -2.77
N PHE B 157 -14.96 7.16 -3.87
CA PHE B 157 -14.49 8.55 -3.91
C PHE B 157 -15.61 9.38 -4.56
N THR B 158 -16.69 9.58 -3.79
CA THR B 158 -17.86 10.29 -4.26
C THR B 158 -17.63 11.75 -4.61
N ARG B 159 -16.44 12.25 -4.32
CA ARG B 159 -16.12 13.63 -4.63
C ARG B 159 -16.03 13.89 -6.14
N ASP B 160 -15.66 12.87 -6.89
CA ASP B 160 -15.38 13.05 -8.32
C ASP B 160 -16.40 12.96 -9.45
N PRO B 161 -17.35 12.00 -9.39
CA PRO B 161 -18.33 11.92 -10.49
C PRO B 161 -19.13 13.21 -10.75
N PHE B 162 -19.64 13.84 -9.69
CA PHE B 162 -20.38 15.09 -9.85
C PHE B 162 -20.06 16.02 -8.67
N ALA B 163 -20.26 17.31 -8.87
CA ALA B 163 -20.00 18.28 -7.81
C ALA B 163 -21.20 19.19 -7.59
N SER B 164 -21.51 19.47 -6.33
CA SER B 164 -22.60 20.39 -6.01
C SER B 164 -21.99 21.77 -6.26
N VAL B 165 -22.67 22.61 -7.02
CA VAL B 165 -22.17 23.96 -7.31
C VAL B 165 -23.29 24.96 -6.99
N GLY B 166 -23.24 25.53 -5.79
CA GLY B 166 -24.29 26.46 -5.37
C GLY B 166 -25.55 25.64 -5.23
N ASN B 167 -26.55 25.91 -6.06
CA ASN B 167 -27.79 25.15 -6.04
C ASN B 167 -27.91 24.32 -7.32
N GLY B 168 -26.85 24.34 -8.11
CA GLY B 168 -26.80 23.60 -9.34
C GLY B 168 -25.84 22.43 -9.17
N VAL B 169 -25.46 21.78 -10.27
CA VAL B 169 -24.58 20.64 -10.19
C VAL B 169 -23.86 20.42 -11.51
N THR B 170 -22.64 19.88 -11.45
CA THR B 170 -21.89 19.57 -12.64
C THR B 170 -21.66 18.06 -12.61
N ILE B 171 -22.16 17.36 -13.62
CA ILE B 171 -21.97 15.91 -13.73
C ILE B 171 -20.92 15.81 -14.83
N HIS B 172 -19.77 15.29 -14.44
CA HIS B 172 -18.59 15.23 -15.27
C HIS B 172 -18.31 14.17 -16.33
N TYR B 173 -17.43 14.57 -17.24
CA TYR B 173 -16.91 13.68 -18.27
C TYR B 173 -15.56 13.39 -17.65
N MET B 174 -15.46 12.26 -16.97
CA MET B 174 -14.24 11.88 -16.28
C MET B 174 -13.10 11.49 -17.22
N ARG B 175 -11.86 11.60 -16.73
CA ARG B 175 -10.70 11.32 -17.56
C ARG B 175 -10.59 9.88 -18.00
N TYR B 176 -10.82 8.93 -17.09
CA TYR B 176 -10.69 7.52 -17.43
C TYR B 176 -11.97 6.70 -17.41
N LYS B 177 -12.11 5.83 -18.41
CA LYS B 177 -13.29 4.98 -18.55
C LYS B 177 -13.68 4.30 -17.25
N VAL B 178 -12.69 3.78 -16.52
CA VAL B 178 -12.97 3.08 -15.26
C VAL B 178 -13.81 3.91 -14.29
N ARG B 179 -13.70 5.24 -14.38
CA ARG B 179 -14.51 6.12 -13.51
C ARG B 179 -15.67 6.77 -14.27
N GLN B 180 -15.51 6.99 -15.58
CA GLN B 180 -16.59 7.57 -16.38
C GLN B 180 -17.87 6.81 -16.12
N ARG B 181 -17.77 5.48 -16.07
CA ARG B 181 -18.94 4.63 -15.85
C ARG B 181 -19.71 4.98 -14.57
N GLU B 182 -19.03 5.63 -13.62
CA GLU B 182 -19.67 6.01 -12.35
C GLU B 182 -20.74 7.08 -12.51
N THR B 183 -20.61 7.93 -13.54
CA THR B 183 -21.55 9.02 -13.76
C THR B 183 -22.92 8.56 -14.21
N LEU B 184 -23.07 7.25 -14.40
CA LEU B 184 -24.35 6.68 -14.78
C LEU B 184 -25.32 6.89 -13.61
N PHE B 185 -24.81 6.66 -12.40
CA PHE B 185 -25.62 6.80 -11.21
C PHE B 185 -25.92 8.27 -10.90
N SER B 186 -24.93 9.13 -11.14
CA SER B 186 -25.09 10.55 -10.90
C SER B 186 -26.24 11.07 -11.75
N ARG B 187 -26.20 10.77 -13.05
CA ARG B 187 -27.24 11.20 -13.98
C ARG B 187 -28.59 10.60 -13.55
N PHE B 188 -28.57 9.37 -13.07
CA PHE B 188 -29.80 8.71 -12.65
C PHE B 188 -30.49 9.37 -11.45
N VAL B 189 -29.75 9.63 -10.39
CA VAL B 189 -30.38 10.23 -9.23
C VAL B 189 -30.86 11.67 -9.45
N PHE B 190 -30.10 12.48 -10.18
CA PHE B 190 -30.52 13.86 -10.43
C PHE B 190 -31.65 13.96 -11.45
N SER B 191 -31.73 12.98 -12.35
CA SER B 191 -32.79 13.00 -13.35
C SER B 191 -34.06 12.35 -12.84
N ASN B 192 -34.01 11.69 -11.69
CA ASN B 192 -35.19 11.01 -11.20
C ASN B 192 -35.64 11.21 -9.77
N HIS B 193 -34.74 11.54 -8.84
CA HIS B 193 -35.19 11.72 -7.47
C HIS B 193 -35.95 13.04 -7.26
N PRO B 194 -37.10 12.97 -6.55
CA PRO B 194 -37.95 14.13 -6.27
C PRO B 194 -37.17 15.33 -5.76
N LYS B 195 -36.32 15.09 -4.77
CA LYS B 195 -35.52 16.15 -4.16
C LYS B 195 -34.37 16.67 -5.04
N LEU B 196 -34.09 16.00 -6.14
CA LEU B 196 -32.98 16.43 -6.99
C LEU B 196 -33.36 16.80 -8.41
N ILE B 197 -34.53 16.39 -8.85
CA ILE B 197 -34.94 16.67 -10.22
C ILE B 197 -34.85 18.12 -10.68
N ASN B 198 -35.16 19.06 -9.79
CA ASN B 198 -35.13 20.47 -10.15
C ASN B 198 -33.73 21.05 -10.24
N THR B 199 -32.73 20.28 -9.78
CA THR B 199 -31.34 20.73 -9.81
C THR B 199 -30.88 21.02 -11.23
N PRO B 200 -30.39 22.24 -11.48
CA PRO B 200 -29.91 22.62 -12.82
C PRO B 200 -28.54 21.96 -13.02
N TRP B 201 -28.16 21.70 -14.26
CA TRP B 201 -26.86 21.09 -14.57
C TRP B 201 -25.98 22.08 -15.32
N TYR B 202 -24.79 22.33 -14.80
CA TYR B 202 -23.88 23.26 -15.46
C TYR B 202 -22.89 22.52 -16.33
N TYR B 203 -22.97 21.18 -16.30
CA TYR B 203 -22.08 20.33 -17.09
C TYR B 203 -22.68 18.92 -17.09
N ASP B 204 -22.43 18.16 -18.16
CA ASP B 204 -22.93 16.80 -18.23
C ASP B 204 -21.92 15.96 -19.01
N PRO B 205 -21.91 14.63 -18.79
CA PRO B 205 -20.99 13.70 -19.47
C PRO B 205 -20.88 13.73 -20.98
N SER B 206 -21.96 14.11 -21.67
CA SER B 206 -21.93 14.16 -23.13
C SER B 206 -20.96 15.20 -23.67
N LEU B 207 -20.60 16.20 -22.87
CA LEU B 207 -19.69 17.25 -23.31
C LEU B 207 -18.27 16.83 -23.70
N LYS B 208 -17.86 15.62 -23.35
CA LYS B 208 -16.55 15.10 -23.71
C LYS B 208 -15.26 15.87 -23.40
N LEU B 209 -15.31 16.91 -22.56
CA LEU B 209 -14.07 17.59 -22.18
C LEU B 209 -13.86 17.18 -20.72
N SER B 210 -12.66 16.74 -20.38
CA SER B 210 -12.38 16.23 -19.04
C SER B 210 -12.45 17.19 -17.86
N ILE B 211 -13.14 16.74 -16.82
CA ILE B 211 -13.29 17.50 -15.57
C ILE B 211 -13.76 16.56 -14.47
N GLU B 212 -13.24 16.74 -13.26
CA GLU B 212 -13.63 15.87 -12.14
C GLU B 212 -13.85 16.68 -10.87
N GLY B 213 -14.74 16.20 -10.00
CA GLY B 213 -15.06 16.88 -8.77
C GLY B 213 -13.94 17.30 -7.82
N GLY B 214 -12.85 16.54 -7.79
CA GLY B 214 -11.76 16.89 -6.89
C GLY B 214 -11.13 18.22 -7.24
N ASP B 215 -11.40 18.69 -8.46
CA ASP B 215 -10.87 19.96 -8.92
C ASP B 215 -11.83 21.10 -8.69
N VAL B 216 -13.06 20.78 -8.29
CA VAL B 216 -14.08 21.82 -8.09
C VAL B 216 -14.23 22.30 -6.66
N PHE B 217 -14.12 23.63 -6.51
CA PHE B 217 -14.24 24.30 -5.22
C PHE B 217 -15.23 25.46 -5.26
N ILE B 218 -16.03 25.58 -4.20
CA ILE B 218 -16.99 26.65 -4.07
C ILE B 218 -16.49 27.55 -2.95
N TYR B 219 -15.64 28.52 -3.26
CA TYR B 219 -15.11 29.38 -2.20
C TYR B 219 -16.17 30.26 -1.49
N ASN B 220 -17.05 30.88 -2.27
CA ASN B 220 -18.11 31.71 -1.70
C ASN B 220 -19.19 31.91 -2.76
N ASN B 221 -20.23 32.66 -2.43
CA ASN B 221 -21.32 32.89 -3.37
C ASN B 221 -20.88 33.45 -4.72
N ASP B 222 -19.78 34.20 -4.72
CA ASP B 222 -19.25 34.83 -5.93
C ASP B 222 -18.22 34.05 -6.73
N THR B 223 -17.28 33.42 -6.03
CA THR B 223 -16.18 32.74 -6.70
C THR B 223 -16.04 31.23 -6.59
N LEU B 224 -15.81 30.60 -7.74
CA LEU B 224 -15.59 29.17 -7.83
C LEU B 224 -14.12 29.03 -8.16
N VAL B 225 -13.52 27.94 -7.71
CA VAL B 225 -12.13 27.69 -8.02
C VAL B 225 -12.09 26.28 -8.62
N VAL B 226 -11.43 26.15 -9.76
CA VAL B 226 -11.35 24.86 -10.44
C VAL B 226 -9.90 24.59 -10.82
N GLY B 227 -9.41 23.39 -10.52
CA GLY B 227 -8.03 23.09 -10.87
C GLY B 227 -7.84 22.68 -12.31
N VAL B 228 -6.62 22.87 -12.80
CA VAL B 228 -6.18 22.50 -14.15
C VAL B 228 -5.16 21.46 -13.72
N SER B 229 -5.59 20.21 -13.82
CA SER B 229 -4.82 19.10 -13.32
C SER B 229 -4.69 17.94 -14.26
N GLU B 230 -4.31 16.81 -13.68
CA GLU B 230 -4.15 15.57 -14.43
C GLU B 230 -5.52 15.11 -14.90
N ARG B 231 -6.57 15.62 -14.28
CA ARG B 231 -7.95 15.22 -14.59
C ARG B 231 -8.89 16.27 -15.18
N THR B 232 -8.56 17.54 -15.00
CA THR B 232 -9.40 18.62 -15.50
C THR B 232 -8.55 19.56 -16.36
N ASP B 233 -9.01 19.85 -17.57
CA ASP B 233 -8.24 20.71 -18.45
C ASP B 233 -8.79 22.13 -18.49
N LEU B 234 -7.91 23.08 -18.77
CA LEU B 234 -8.31 24.48 -18.83
C LEU B 234 -9.47 24.67 -19.83
N GLN B 235 -9.37 24.05 -21.00
CA GLN B 235 -10.44 24.21 -22.01
C GLN B 235 -11.78 23.75 -21.45
N THR B 236 -11.74 22.81 -20.51
CA THR B 236 -12.97 22.33 -19.92
C THR B 236 -13.55 23.40 -18.99
N VAL B 237 -12.67 24.12 -18.29
CA VAL B 237 -13.12 25.16 -17.38
C VAL B 237 -13.78 26.28 -18.20
N THR B 238 -13.20 26.56 -19.36
CA THR B 238 -13.70 27.58 -20.27
C THR B 238 -15.12 27.22 -20.71
N LEU B 239 -15.35 25.94 -20.99
CA LEU B 239 -16.68 25.49 -21.37
C LEU B 239 -17.61 25.67 -20.17
N LEU B 240 -17.13 25.31 -18.99
CA LEU B 240 -17.94 25.46 -17.78
C LEU B 240 -18.34 26.92 -17.60
N ALA B 241 -17.38 27.83 -17.76
CA ALA B 241 -17.66 29.26 -17.63
C ALA B 241 -18.78 29.64 -18.61
N LYS B 242 -18.71 29.09 -19.83
CA LYS B 242 -19.71 29.35 -20.85
C LYS B 242 -21.08 28.88 -20.36
N ASN B 243 -21.17 27.61 -19.97
CA ASN B 243 -22.43 27.02 -19.49
C ASN B 243 -23.02 27.78 -18.31
N ILE B 244 -22.16 28.29 -17.44
CA ILE B 244 -22.66 29.03 -16.28
C ILE B 244 -23.21 30.38 -16.74
N VAL B 245 -22.45 31.07 -17.59
CA VAL B 245 -22.90 32.35 -18.09
C VAL B 245 -24.25 32.16 -18.81
N ALA B 246 -24.47 30.97 -19.36
CA ALA B 246 -25.72 30.68 -20.07
C ALA B 246 -26.91 30.39 -19.14
N ASN B 247 -26.63 30.03 -17.90
CA ASN B 247 -27.70 29.76 -16.93
C ASN B 247 -27.98 31.07 -16.22
N LYS B 248 -29.18 31.59 -16.41
CA LYS B 248 -29.57 32.86 -15.82
C LYS B 248 -29.71 32.89 -14.31
N GLU B 249 -30.31 31.85 -13.74
CA GLU B 249 -30.49 31.79 -12.30
C GLU B 249 -29.18 31.61 -11.52
N CYS B 250 -28.13 31.12 -12.17
CA CYS B 250 -26.86 30.93 -11.49
C CYS B 250 -26.28 32.30 -11.13
N GLU B 251 -25.85 32.45 -9.88
CA GLU B 251 -25.33 33.73 -9.41
C GLU B 251 -23.82 33.86 -9.18
N PHE B 252 -23.03 32.89 -9.65
CA PHE B 252 -21.59 32.97 -9.45
C PHE B 252 -21.01 34.01 -10.40
N LYS B 253 -20.03 34.77 -9.92
CA LYS B 253 -19.46 35.83 -10.73
C LYS B 253 -18.06 35.62 -11.26
N ARG B 254 -17.35 34.65 -10.71
CA ARG B 254 -15.96 34.45 -11.11
C ARG B 254 -15.46 33.04 -10.93
N ILE B 255 -14.55 32.64 -11.82
CA ILE B 255 -13.94 31.33 -11.70
C ILE B 255 -12.45 31.58 -11.73
N VAL B 256 -11.74 31.00 -10.78
CA VAL B 256 -10.30 31.13 -10.78
C VAL B 256 -9.83 29.71 -11.09
N ALA B 257 -9.09 29.54 -12.18
CA ALA B 257 -8.58 28.22 -12.54
C ALA B 257 -7.19 28.15 -11.94
N ILE B 258 -6.87 27.05 -11.25
CA ILE B 258 -5.55 26.93 -10.66
C ILE B 258 -4.77 25.74 -11.19
N ASN B 259 -3.62 26.03 -11.78
CA ASN B 259 -2.75 25.01 -12.34
C ASN B 259 -2.00 24.29 -11.24
N VAL B 260 -1.94 22.96 -11.35
CA VAL B 260 -1.22 22.13 -10.38
C VAL B 260 -0.40 21.05 -11.09
N PRO B 261 0.61 20.47 -10.39
CA PRO B 261 1.45 19.43 -10.99
C PRO B 261 0.54 18.34 -11.55
N LYS B 262 0.83 17.89 -12.76
CA LYS B 262 -0.01 16.87 -13.39
C LYS B 262 0.43 15.45 -13.01
N TRP B 263 0.49 15.18 -11.71
CA TRP B 263 0.88 13.86 -11.22
C TRP B 263 -0.29 12.90 -11.23
N THR B 264 -0.07 11.68 -11.72
CA THR B 264 -1.15 10.69 -11.75
C THR B 264 -1.63 10.25 -10.36
N ASN B 265 -0.80 10.42 -9.31
CA ASN B 265 -1.16 10.03 -7.95
C ASN B 265 -1.71 11.15 -7.05
N LEU B 266 -1.62 12.39 -7.54
CA LEU B 266 -2.11 13.61 -6.83
C LEU B 266 -2.78 14.33 -7.99
N MET B 267 -3.86 13.71 -8.45
CA MET B 267 -4.58 14.11 -9.64
C MET B 267 -5.59 15.26 -9.67
N HIS B 268 -5.96 15.80 -8.51
CA HIS B 268 -6.90 16.91 -8.47
C HIS B 268 -6.31 18.06 -7.67
N LEU B 269 -6.85 19.26 -7.89
CA LEU B 269 -6.41 20.44 -7.17
C LEU B 269 -6.54 20.20 -5.66
N ASP B 270 -7.53 19.42 -5.24
CA ASP B 270 -7.69 19.18 -3.81
C ASP B 270 -6.60 18.30 -3.17
N THR B 271 -5.59 17.89 -3.95
CA THR B 271 -4.49 17.10 -3.39
C THR B 271 -3.26 18.03 -3.27
N TRP B 272 -3.48 19.32 -3.55
CA TRP B 272 -2.44 20.34 -3.51
C TRP B 272 -2.85 21.60 -2.73
N LEU B 273 -4.14 21.89 -2.69
CA LEU B 273 -4.63 23.10 -2.03
C LEU B 273 -6.10 23.03 -1.63
N THR B 274 -6.39 23.27 -0.37
CA THR B 274 -7.77 23.26 0.11
C THR B 274 -8.07 24.44 1.00
N MET B 275 -9.35 24.79 1.13
CA MET B 275 -9.80 25.88 1.98
C MET B 275 -10.53 25.21 3.15
N LEU B 276 -10.03 25.44 4.35
CA LEU B 276 -10.56 24.79 5.53
C LEU B 276 -11.24 25.66 6.57
N ASP B 277 -11.13 26.97 6.42
CA ASP B 277 -11.75 27.93 7.33
C ASP B 277 -11.99 29.20 6.51
N LYS B 278 -12.62 30.20 7.10
CA LYS B 278 -12.90 31.43 6.38
C LYS B 278 -11.66 32.08 5.77
N ASP B 279 -10.52 31.94 6.42
CA ASP B 279 -9.29 32.54 5.93
C ASP B 279 -8.07 31.62 6.02
N LYS B 280 -8.30 30.31 6.06
CA LYS B 280 -7.21 29.35 6.19
C LYS B 280 -7.14 28.32 5.07
N PHE B 281 -5.94 28.14 4.54
CA PHE B 281 -5.69 27.23 3.44
C PHE B 281 -4.54 26.28 3.73
N LEU B 282 -4.69 25.05 3.25
CA LEU B 282 -3.70 24.00 3.43
C LEU B 282 -3.16 23.67 2.02
N TYR B 283 -1.85 23.73 1.85
CA TYR B 283 -1.23 23.49 0.54
C TYR B 283 0.07 22.71 0.69
N SER B 284 0.50 22.04 -0.38
CA SER B 284 1.77 21.33 -0.36
C SER B 284 2.81 22.19 -1.07
N PRO B 285 3.91 22.54 -0.37
CA PRO B 285 4.98 23.37 -0.93
C PRO B 285 5.54 22.82 -2.22
N ILE B 286 5.37 21.51 -2.42
CA ILE B 286 5.86 20.87 -3.63
C ILE B 286 5.29 21.53 -4.89
N ALA B 287 4.11 22.13 -4.78
CA ALA B 287 3.54 22.80 -5.94
C ALA B 287 3.91 24.27 -6.01
N ASN B 288 4.80 24.73 -5.11
CA ASN B 288 5.18 26.13 -5.09
C ASN B 288 5.49 26.74 -6.45
N ASP B 289 6.36 26.10 -7.20
CA ASP B 289 6.76 26.61 -8.51
C ASP B 289 5.87 26.24 -9.68
N VAL B 290 4.79 25.52 -9.42
CA VAL B 290 3.91 25.11 -10.51
C VAL B 290 2.61 25.87 -10.52
N PHE B 291 2.16 26.29 -9.35
CA PHE B 291 0.91 27.05 -9.23
C PHE B 291 0.91 28.17 -10.28
N LYS B 292 -0.21 28.29 -10.99
CA LYS B 292 -0.41 29.31 -12.02
C LYS B 292 -1.91 29.59 -12.02
N PHE B 293 -2.32 30.84 -12.25
CA PHE B 293 -3.74 31.20 -12.18
C PHE B 293 -4.35 31.97 -13.35
N TRP B 294 -5.65 31.76 -13.57
CA TRP B 294 -6.41 32.42 -14.64
C TRP B 294 -7.76 32.84 -14.08
N ASP B 295 -8.22 34.02 -14.47
CA ASP B 295 -9.52 34.49 -14.01
C ASP B 295 -10.54 34.41 -15.13
N TYR B 296 -11.79 34.11 -14.78
CA TYR B 296 -12.90 34.06 -15.73
C TYR B 296 -13.95 35.02 -15.20
N ASP B 297 -14.34 35.99 -16.02
CA ASP B 297 -15.35 36.96 -15.62
C ASP B 297 -16.72 36.45 -16.11
N LEU B 298 -17.57 36.03 -15.19
CA LEU B 298 -18.90 35.52 -15.54
C LEU B 298 -19.94 36.64 -15.49
N VAL B 299 -19.49 37.88 -15.45
CA VAL B 299 -20.39 39.03 -15.40
C VAL B 299 -20.23 39.95 -16.61
N ASN B 300 -19.01 40.43 -16.81
CA ASN B 300 -18.71 41.34 -17.92
C ASN B 300 -17.73 40.71 -18.90
N GLY B 301 -17.71 39.39 -18.95
CA GLY B 301 -16.80 38.71 -19.86
C GLY B 301 -17.42 38.17 -21.12
N GLY B 302 -18.69 38.48 -21.35
CA GLY B 302 -19.35 38.00 -22.55
C GLY B 302 -19.97 36.64 -22.32
N ALA B 303 -20.62 36.10 -23.36
CA ALA B 303 -21.27 34.80 -23.26
C ALA B 303 -20.26 33.65 -23.26
N GLU B 304 -19.01 33.96 -23.62
CA GLU B 304 -17.96 32.97 -23.65
C GLU B 304 -16.68 33.51 -23.04
N PRO B 305 -16.70 33.82 -21.74
CA PRO B 305 -15.52 34.36 -21.06
C PRO B 305 -14.29 33.46 -21.22
N GLN B 306 -13.13 34.11 -21.37
CA GLN B 306 -11.87 33.42 -21.54
C GLN B 306 -11.01 33.52 -20.30
N PRO B 307 -10.02 32.61 -20.15
CA PRO B 307 -9.15 32.65 -18.98
C PRO B 307 -8.12 33.78 -19.12
N VAL B 308 -8.08 34.66 -18.13
CA VAL B 308 -7.14 35.78 -18.12
C VAL B 308 -6.11 35.52 -17.02
N GLU B 309 -4.89 35.21 -17.44
CA GLU B 309 -3.83 34.92 -16.49
C GLU B 309 -3.72 35.97 -15.38
N ASN B 310 -3.68 35.48 -14.14
CA ASN B 310 -3.55 36.35 -12.97
C ASN B 310 -2.16 36.11 -12.38
N GLY B 311 -1.27 37.07 -12.57
CA GLY B 311 0.11 36.95 -12.11
C GLY B 311 0.42 37.11 -10.64
N LEU B 312 -0.60 37.22 -9.80
CA LEU B 312 -0.38 37.36 -8.37
C LEU B 312 0.18 36.08 -7.76
N PRO B 313 0.94 36.20 -6.66
CA PRO B 313 1.50 35.01 -6.00
C PRO B 313 0.27 34.34 -5.35
N LEU B 314 0.41 33.09 -4.90
CA LEU B 314 -0.72 32.40 -4.29
C LEU B 314 -1.43 33.18 -3.18
N GLU B 315 -0.69 33.72 -2.22
CA GLU B 315 -1.34 34.45 -1.13
C GLU B 315 -2.15 35.66 -1.63
N GLY B 316 -1.59 36.39 -2.58
CA GLY B 316 -2.28 37.54 -3.13
C GLY B 316 -3.51 37.10 -3.92
N LEU B 317 -3.40 35.97 -4.60
CA LEU B 317 -4.53 35.46 -5.38
C LEU B 317 -5.68 35.09 -4.45
N LEU B 318 -5.35 34.41 -3.36
CA LEU B 318 -6.36 34.00 -2.39
C LEU B 318 -6.96 35.23 -1.72
N GLN B 319 -6.12 36.18 -1.32
CA GLN B 319 -6.64 37.38 -0.70
C GLN B 319 -7.64 38.10 -1.62
N SER B 320 -7.39 38.04 -2.93
CA SER B 320 -8.27 38.71 -3.89
C SER B 320 -9.63 38.04 -3.94
N ILE B 321 -9.71 36.82 -3.40
CA ILE B 321 -10.97 36.10 -3.39
C ILE B 321 -11.78 36.31 -2.12
N ILE B 322 -11.12 36.28 -0.96
CA ILE B 322 -11.83 36.42 0.29
C ILE B 322 -11.79 37.83 0.90
N ASN B 323 -10.88 38.66 0.42
CA ASN B 323 -10.75 40.03 0.93
C ASN B 323 -10.37 40.13 2.40
N LYS B 324 -9.53 39.20 2.82
CA LYS B 324 -9.01 39.15 4.17
C LYS B 324 -7.62 38.56 4.01
N LYS B 325 -6.75 38.77 5.00
CA LYS B 325 -5.42 38.21 4.89
C LYS B 325 -5.52 36.70 5.03
N PRO B 326 -5.07 35.96 4.02
CA PRO B 326 -5.14 34.50 4.09
C PRO B 326 -4.00 33.87 4.91
N VAL B 327 -4.28 32.72 5.50
CA VAL B 327 -3.32 31.96 6.29
C VAL B 327 -3.02 30.69 5.51
N LEU B 328 -1.76 30.52 5.11
CA LEU B 328 -1.34 29.34 4.35
C LEU B 328 -0.58 28.38 5.23
N ILE B 329 -1.12 27.17 5.38
CA ILE B 329 -0.53 26.13 6.22
C ILE B 329 0.17 25.10 5.33
N PRO B 330 1.48 24.95 5.47
CA PRO B 330 2.24 24.00 4.66
C PRO B 330 2.10 22.58 5.15
N ILE B 331 2.02 21.64 4.21
CA ILE B 331 1.93 20.23 4.55
C ILE B 331 3.11 19.87 5.46
N ALA B 332 2.81 19.23 6.59
CA ALA B 332 3.81 18.80 7.56
C ALA B 332 4.30 19.89 8.52
N GLY B 333 3.79 21.10 8.37
CA GLY B 333 4.18 22.19 9.25
C GLY B 333 5.51 22.86 9.00
N GLU B 334 5.72 24.02 9.62
CA GLU B 334 6.97 24.72 9.45
C GLU B 334 8.11 23.83 9.95
N GLY B 335 9.26 23.93 9.29
CA GLY B 335 10.40 23.12 9.70
C GLY B 335 10.35 21.65 9.33
N ALA B 336 9.32 21.21 8.61
CA ALA B 336 9.23 19.81 8.22
C ALA B 336 10.38 19.50 7.25
N SER B 337 10.77 18.24 7.13
CA SER B 337 11.85 17.88 6.19
C SER B 337 11.19 17.63 4.85
N GLN B 338 11.98 17.65 3.77
CA GLN B 338 11.41 17.40 2.45
C GLN B 338 10.82 15.99 2.41
N MET B 339 11.47 15.04 3.09
CA MET B 339 10.96 13.67 3.12
C MET B 339 9.54 13.68 3.74
N GLU B 340 9.38 14.41 4.84
CA GLU B 340 8.08 14.48 5.51
C GLU B 340 7.01 15.15 4.63
N ILE B 341 7.38 16.21 3.94
CA ILE B 341 6.46 16.91 3.06
C ILE B 341 6.04 16.00 1.91
N GLU B 342 7.02 15.29 1.35
CA GLU B 342 6.73 14.39 0.25
C GLU B 342 5.83 13.24 0.69
N ARG B 343 6.17 12.62 1.82
CA ARG B 343 5.38 11.50 2.33
C ARG B 343 3.95 11.91 2.70
N GLU B 344 3.78 13.02 3.42
CA GLU B 344 2.43 13.42 3.80
C GLU B 344 1.65 14.01 2.65
N THR B 345 2.35 14.55 1.66
CA THR B 345 1.67 15.08 0.49
C THR B 345 1.16 13.86 -0.28
N HIS B 346 2.02 12.85 -0.37
CA HIS B 346 1.71 11.60 -1.06
C HIS B 346 0.41 10.97 -0.57
N PHE B 347 0.20 10.99 0.75
CA PHE B 347 -1.02 10.43 1.31
C PHE B 347 -2.14 11.48 1.43
N ASP B 348 -2.22 12.35 0.43
CA ASP B 348 -3.27 13.33 0.37
C ASP B 348 -3.44 14.16 1.64
N GLY B 349 -2.31 14.63 2.16
CA GLY B 349 -2.34 15.43 3.37
C GLY B 349 -3.05 16.76 3.25
N THR B 350 -3.31 17.24 2.04
CA THR B 350 -4.05 18.51 1.90
C THR B 350 -5.55 18.23 1.85
N ASN B 351 -5.90 16.99 1.60
CA ASN B 351 -7.29 16.58 1.37
C ASN B 351 -8.27 16.40 2.54
N TYR B 352 -8.47 17.45 3.35
CA TYR B 352 -9.40 17.35 4.46
C TYR B 352 -10.79 17.86 4.07
N LEU B 353 -11.80 17.35 4.77
CA LEU B 353 -13.17 17.77 4.54
C LEU B 353 -13.52 18.69 5.70
N ALA B 354 -13.92 19.92 5.40
CA ALA B 354 -14.31 20.83 6.47
C ALA B 354 -15.79 20.56 6.73
N ILE B 355 -16.18 20.34 7.98
CA ILE B 355 -17.59 20.08 8.30
C ILE B 355 -18.25 21.29 8.96
N ARG B 356 -17.41 22.26 9.34
CA ARG B 356 -17.81 23.53 9.96
C ARG B 356 -16.56 24.37 9.77
N PRO B 357 -16.69 25.72 9.77
CA PRO B 357 -15.48 26.52 9.59
C PRO B 357 -14.39 26.17 10.61
N GLY B 358 -13.21 25.79 10.12
CA GLY B 358 -12.15 25.46 11.04
C GLY B 358 -12.27 24.13 11.77
N VAL B 359 -13.16 23.26 11.32
CA VAL B 359 -13.29 21.93 11.94
C VAL B 359 -13.23 20.93 10.80
N VAL B 360 -12.20 20.10 10.77
CA VAL B 360 -12.00 19.16 9.67
C VAL B 360 -11.83 17.69 10.03
N ILE B 361 -12.09 16.84 9.05
CA ILE B 361 -11.95 15.39 9.19
C ILE B 361 -10.93 14.94 8.15
N GLY B 362 -9.99 14.10 8.57
CA GLY B 362 -8.98 13.60 7.66
C GLY B 362 -8.26 12.41 8.29
N TYR B 363 -7.42 11.72 7.51
CA TYR B 363 -6.68 10.55 7.99
C TYR B 363 -5.76 10.89 9.15
N SER B 364 -5.75 10.01 10.15
CA SER B 364 -4.88 10.19 11.29
C SER B 364 -3.41 10.03 10.86
N ARG B 365 -3.16 9.24 9.82
CA ARG B 365 -1.78 9.00 9.40
C ARG B 365 -0.89 10.22 9.16
N ASN B 366 -1.44 11.29 8.62
CA ASN B 366 -0.61 12.47 8.39
C ASN B 366 -0.49 13.29 9.65
N GLU B 367 0.23 12.72 10.61
CA GLU B 367 0.40 13.35 11.91
C GLU B 367 1.04 14.73 11.95
N LYS B 368 2.05 14.97 11.12
CA LYS B 368 2.68 16.29 11.17
C LYS B 368 1.75 17.35 10.62
N THR B 369 0.96 17.00 9.61
CA THR B 369 0.00 17.93 9.04
C THR B 369 -1.13 18.15 10.06
N ASN B 370 -1.53 17.09 10.76
CA ASN B 370 -2.57 17.23 11.77
C ASN B 370 -2.08 18.21 12.84
N ALA B 371 -0.84 18.04 13.26
CA ALA B 371 -0.27 18.92 14.26
C ALA B 371 -0.26 20.36 13.73
N ALA B 372 0.13 20.57 12.47
CA ALA B 372 0.17 21.91 11.90
C ALA B 372 -1.22 22.55 11.82
N LEU B 373 -2.24 21.74 11.56
CA LEU B 373 -3.61 22.25 11.49
C LEU B 373 -4.04 22.72 12.88
N GLU B 374 -3.80 21.90 13.89
CA GLU B 374 -4.16 22.26 15.26
C GLU B 374 -3.46 23.55 15.67
N ALA B 375 -2.16 23.63 15.39
CA ALA B 375 -1.40 24.82 15.76
C ALA B 375 -1.97 26.07 15.09
N ALA B 376 -2.56 25.91 13.91
CA ALA B 376 -3.11 27.05 13.21
C ALA B 376 -4.52 27.39 13.68
N GLY B 377 -5.00 26.67 14.70
CA GLY B 377 -6.34 26.94 15.22
C GLY B 377 -7.46 26.13 14.58
N ILE B 378 -7.12 25.07 13.85
CA ILE B 378 -8.15 24.24 13.25
C ILE B 378 -8.32 22.94 14.02
N LYS B 379 -9.57 22.60 14.30
CA LYS B 379 -9.88 21.38 15.03
C LYS B 379 -9.89 20.20 14.07
N VAL B 380 -9.07 19.20 14.36
CA VAL B 380 -9.00 18.03 13.51
C VAL B 380 -9.69 16.83 14.18
N LEU B 381 -10.63 16.22 13.47
CA LEU B 381 -11.34 15.06 13.96
C LEU B 381 -10.77 13.89 13.15
N PRO B 382 -9.67 13.30 13.61
CA PRO B 382 -9.07 12.19 12.87
C PRO B 382 -9.85 10.89 12.92
N PHE B 383 -9.57 10.03 11.94
CA PHE B 383 -10.16 8.70 11.86
C PHE B 383 -9.10 7.88 11.15
N HIS B 384 -9.00 6.60 11.49
CA HIS B 384 -7.99 5.75 10.88
C HIS B 384 -8.44 5.27 9.51
N GLY B 385 -7.65 5.57 8.48
CA GLY B 385 -8.03 5.14 7.15
C GLY B 385 -6.85 4.73 6.30
N ASN B 386 -5.90 4.01 6.89
CA ASN B 386 -4.73 3.57 6.17
C ASN B 386 -5.05 2.75 4.91
N GLN B 387 -5.98 1.82 4.99
CA GLN B 387 -6.34 1.05 3.80
C GLN B 387 -7.00 1.95 2.76
N LEU B 388 -7.99 2.73 3.20
CA LEU B 388 -8.68 3.63 2.28
C LEU B 388 -7.70 4.54 1.55
N SER B 389 -6.71 5.03 2.27
CA SER B 389 -5.72 5.94 1.69
C SER B 389 -4.95 5.32 0.52
N LEU B 390 -4.87 4.00 0.42
CA LEU B 390 -4.14 3.40 -0.69
C LEU B 390 -4.82 3.68 -2.04
N GLY B 391 -6.09 4.07 -2.00
CA GLY B 391 -6.80 4.39 -3.22
C GLY B 391 -6.43 5.81 -3.67
N MET B 392 -5.52 6.45 -2.93
CA MET B 392 -5.04 7.80 -3.24
C MET B 392 -6.07 8.93 -3.12
N GLY B 393 -6.81 8.93 -2.02
CA GLY B 393 -7.80 9.97 -1.74
C GLY B 393 -8.01 9.97 -0.24
N ASN B 394 -8.29 11.14 0.34
CA ASN B 394 -8.51 11.33 1.78
C ASN B 394 -10.02 11.64 1.98
N ALA B 395 -10.40 12.20 3.12
CA ALA B 395 -11.81 12.47 3.41
C ALA B 395 -12.55 13.39 2.42
N ARG B 396 -11.90 14.43 1.90
CA ARG B 396 -12.62 15.28 0.95
C ARG B 396 -12.97 14.42 -0.27
N CYS B 397 -12.02 13.62 -0.73
CA CYS B 397 -12.22 12.76 -1.89
C CYS B 397 -13.36 11.75 -1.70
N MET B 398 -13.61 11.36 -0.46
CA MET B 398 -14.64 10.38 -0.18
C MET B 398 -15.96 11.01 0.23
N SER B 399 -16.18 12.26 -0.17
CA SER B 399 -17.41 12.94 0.20
C SER B 399 -17.87 13.95 -0.84
N MET B 400 -19.17 14.19 -0.91
CA MET B 400 -19.72 15.19 -1.81
C MET B 400 -20.85 15.89 -1.09
N PRO B 401 -20.56 17.06 -0.53
CA PRO B 401 -21.54 17.86 0.19
C PRO B 401 -22.80 18.06 -0.67
N LEU B 402 -23.97 17.88 -0.07
CA LEU B 402 -25.22 18.10 -0.80
C LEU B 402 -25.83 19.41 -0.32
N SER B 403 -25.52 19.78 0.91
CA SER B 403 -26.03 21.03 1.46
C SER B 403 -25.23 21.50 2.66
N ARG B 404 -24.86 22.78 2.67
CA ARG B 404 -24.13 23.38 3.76
C ARG B 404 -24.88 24.62 4.25
N LYS B 405 -24.78 24.86 5.55
CA LYS B 405 -25.41 26.01 6.17
C LYS B 405 -24.63 27.26 5.73
N ASP B 406 -25.28 28.40 5.72
CA ASP B 406 -24.62 29.64 5.32
C ASP B 406 -23.43 29.97 6.20
N VAL B 407 -22.42 30.56 5.60
CA VAL B 407 -21.23 30.96 6.35
C VAL B 407 -21.43 32.41 6.76
N LYS B 408 -21.08 32.74 7.99
CA LYS B 408 -21.19 34.13 8.43
C LYS B 408 -19.83 34.73 8.07
N TRP B 409 -19.72 35.25 6.86
CA TRP B 409 -18.45 35.82 6.38
C TRP B 409 -17.95 37.06 7.13
C CIR C . 13.02 -7.04 -0.42
O CIR C . 14.14 -7.63 -0.19
OXT CIR C . 12.59 -6.88 -1.53
CA CIR C . 12.02 -6.85 0.75
N CIR C . 11.24 -5.53 0.53
C3 CIR C . 11.08 -8.05 0.91
C4 CIR C . 11.76 -9.38 1.38
C5 CIR C . 10.82 -10.53 1.41
N6 CIR C . 11.58 -11.68 1.77
C7 CIR C . 10.81 -12.85 2.09
O7 CIR C . 10.33 -13.44 0.87
N8 CIR C . 12.00 -13.64 2.48
C TRS D . -5.98 -9.97 -0.04
C1 TRS D . -5.87 -8.45 -0.40
C2 TRS D . -7.37 -10.36 0.15
C3 TRS D . -5.29 -10.34 1.23
N TRS D . -5.43 -10.77 -1.11
O1 TRS D . -6.20 -7.70 0.65
O2 TRS D . -7.97 -10.45 -0.98
O3 TRS D . -4.01 -10.30 1.12
C CIR E . -8.73 8.02 -8.83
O CIR E . -9.61 8.73 -9.37
OXT CIR E . -7.56 7.94 -9.24
CA CIR E . -9.06 7.51 -7.37
N CIR E . -8.31 6.25 -7.07
C3 CIR E . -8.75 8.60 -6.33
C4 CIR E . -9.64 9.89 -6.36
C5 CIR E . -9.14 10.91 -5.35
N6 CIR E . -9.90 12.09 -5.51
C7 CIR E . -9.60 13.22 -4.63
O7 CIR E . -8.52 13.97 -5.26
N8 CIR E . -10.86 13.94 -4.87
C TRS F . 3.16 9.38 6.32
C1 TRS F . 3.43 8.05 5.46
C2 TRS F . 3.93 9.36 7.52
C3 TRS F . 1.74 9.55 6.74
N TRS F . 3.56 10.56 5.57
O1 TRS F . 3.08 6.96 6.19
O2 TRS F . 5.12 9.72 7.31
O3 TRS F . 0.91 9.39 5.77
#